data_5MA0
#
_entry.id   5MA0
#
_cell.length_a   73.577
_cell.length_b   73.577
_cell.length_c   184.480
_cell.angle_alpha   90.00
_cell.angle_beta   90.00
_cell.angle_gamma   90.00
#
_symmetry.space_group_name_H-M   'P 41'
#
loop_
_entity.id
_entity.type
_entity.pdbx_description
1 polymer 'Tetrachloroethene reductive dehalogenase catalytic subunit PceA'
2 non-polymer 'IRON/SULFUR CLUSTER'
3 non-polymer NORPSEUDO-B12
4 non-polymer GLYCEROL
5 non-polymer 2,6-dichlorophenol
6 water water
#
_entity_poly.entity_id   1
_entity_poly.type   'polypeptide(L)'
_entity_poly.pdbx_seq_one_letter_code
;AEKEKNAAEIRQQFAMTAGSPIIVNDKLERYAEVRTAFTHPTSFFKPNYKGEVKPWFLSAYDEKVRQIENGENGPKMKAK
NVGEARAGRALEAAGWTLDINYGNIYPNRFFMLWSGETMTNTQLWAPVGLDRRPPDTTDPVELTNYVKFAARMAGADLVG
VARLNRNWVYSEAVTIPADVPYEQSLHKEIEKPIVFKDVPLPIETDDELIIPNTCENVIVAGIAMNREMMQTAPNSMACA
TTAFCYSRMCMFDMWLCQFIRYMGYYAIPSCNGVGQSVAFAVEAGLGQASRMGACITPEFGPNVRLTKVFTNMPLVPDKP
IDFGVTEFCETCKKCARECPSKAITEGPRTFEGRSIHNQSGKLQWQNDYNKCLGYWPESGGYCGVCVAVCPFTKGNIWIH
DGVEWLIDNTRFLDPLMLGMDDALGYGAKRNITEVWDGKINTYGLDADHFRDTVSFRKDRVKKS
;
_entity_poly.pdbx_strand_id   A,B
#
# COMPACT_ATOMS: atom_id res chain seq x y z
N LYS A 5 -0.15 -9.42 26.78
CA LYS A 5 0.88 -9.82 25.84
C LYS A 5 1.70 -8.61 25.37
N ASN A 6 3.02 -8.70 25.50
CA ASN A 6 3.94 -7.60 25.20
C ASN A 6 4.97 -8.11 24.20
N ALA A 7 4.79 -7.74 22.93
CA ALA A 7 5.71 -8.17 21.87
C ALA A 7 7.10 -7.59 22.07
N ALA A 8 7.20 -6.38 22.63
CA ALA A 8 8.51 -5.78 22.85
C ALA A 8 9.28 -6.54 23.93
N GLU A 9 8.60 -6.89 25.02
CA GLU A 9 9.23 -7.72 26.05
C GLU A 9 9.74 -9.04 25.49
N ILE A 10 8.92 -9.68 24.65
CA ILE A 10 9.30 -10.97 24.09
C ILE A 10 10.58 -10.83 23.27
N ARG A 11 10.63 -9.81 22.40
CA ARG A 11 11.82 -9.61 21.59
C ARG A 11 13.04 -9.29 22.45
N GLN A 12 12.85 -8.51 23.52
CA GLN A 12 14.00 -8.25 24.39
C GLN A 12 14.47 -9.52 25.07
N GLN A 13 13.54 -10.37 25.50
CA GLN A 13 13.91 -11.57 26.24
C GLN A 13 14.76 -12.52 25.39
N PHE A 14 14.44 -12.63 24.10
CA PHE A 14 15.07 -13.63 23.25
C PHE A 14 16.16 -13.06 22.34
N ALA A 15 16.55 -11.80 22.53
CA ALA A 15 17.60 -11.22 21.71
C ALA A 15 18.92 -11.93 21.97
N MET A 16 19.67 -12.17 20.88
N MET A 16 19.70 -12.13 20.91
CA MET A 16 21.00 -12.80 20.93
CA MET A 16 21.00 -12.78 21.04
C MET A 16 22.08 -11.72 21.03
C MET A 16 22.12 -11.78 20.79
N THR A 17 23.33 -12.17 21.19
CA THR A 17 24.48 -11.30 20.96
C THR A 17 24.73 -11.16 19.46
N ALA A 18 25.51 -10.14 19.09
CA ALA A 18 25.74 -9.83 17.69
C ALA A 18 26.40 -11.00 16.96
N GLY A 19 26.12 -11.11 15.68
CA GLY A 19 26.73 -12.12 14.83
C GLY A 19 25.71 -12.83 13.97
N SER A 20 26.01 -13.06 12.70
CA SER A 20 25.06 -13.79 11.85
C SER A 20 24.81 -15.17 12.46
N PRO A 21 23.54 -15.55 12.69
CA PRO A 21 23.28 -16.87 13.29
C PRO A 21 23.40 -18.02 12.32
N ILE A 22 23.46 -17.75 11.02
CA ILE A 22 23.44 -18.83 10.03
C ILE A 22 24.82 -19.50 10.00
N ILE A 23 24.81 -20.81 10.14
CA ILE A 23 26.04 -21.59 10.19
C ILE A 23 26.40 -22.01 8.77
N VAL A 24 27.64 -21.75 8.36
CA VAL A 24 28.06 -21.99 6.99
C VAL A 24 29.36 -22.80 7.00
N ASN A 25 29.64 -23.43 5.85
CA ASN A 25 30.95 -24.08 5.69
C ASN A 25 31.54 -23.72 4.33
N ASP A 26 32.63 -24.40 3.95
CA ASP A 26 33.46 -23.91 2.85
C ASP A 26 32.83 -24.10 1.47
N LYS A 27 31.86 -24.98 1.31
CA LYS A 27 31.27 -25.12 -0.02
C LYS A 27 30.25 -24.02 -0.33
N LEU A 28 30.06 -23.05 0.55
CA LEU A 28 29.12 -21.97 0.31
C LEU A 28 29.60 -21.07 -0.84
N GLU A 29 28.78 -20.93 -1.87
CA GLU A 29 29.00 -19.97 -2.93
C GLU A 29 27.72 -19.18 -3.11
N ARG A 30 27.84 -17.95 -3.62
CA ARG A 30 26.64 -17.20 -3.96
C ARG A 30 25.84 -17.96 -5.03
N TYR A 31 24.53 -17.76 -5.00
CA TYR A 31 23.55 -18.61 -5.69
C TYR A 31 22.99 -17.85 -6.88
N ALA A 32 22.98 -18.49 -8.06
CA ALA A 32 22.40 -17.84 -9.24
C ALA A 32 20.88 -17.92 -9.17
N GLU A 33 20.22 -16.77 -9.30
CA GLU A 33 18.76 -16.70 -9.10
C GLU A 33 18.00 -17.59 -10.06
N VAL A 34 18.55 -17.81 -11.26
CA VAL A 34 17.92 -18.70 -12.23
C VAL A 34 17.69 -20.10 -11.67
N ARG A 35 18.44 -20.48 -10.62
CA ARG A 35 18.28 -21.82 -10.05
C ARG A 35 16.99 -22.01 -9.25
N THR A 36 16.24 -20.95 -8.95
CA THR A 36 15.00 -21.15 -8.18
C THR A 36 14.01 -21.96 -9.00
N ALA A 37 13.10 -22.66 -8.30
CA ALA A 37 12.20 -23.55 -9.03
C ALA A 37 11.29 -22.78 -9.99
N PHE A 38 11.00 -21.51 -9.68
CA PHE A 38 10.17 -20.67 -10.56
C PHE A 38 10.82 -20.47 -11.92
N THR A 39 12.14 -20.42 -11.98
CA THR A 39 12.84 -19.99 -13.17
C THR A 39 13.66 -21.07 -13.83
N HIS A 40 14.12 -22.08 -13.08
CA HIS A 40 15.06 -23.04 -13.65
C HIS A 40 14.37 -23.94 -14.67
N PRO A 41 15.05 -24.26 -15.78
CA PRO A 41 14.40 -25.08 -16.81
C PRO A 41 13.97 -26.47 -16.35
N THR A 42 14.60 -27.04 -15.32
CA THR A 42 14.22 -28.39 -14.88
C THR A 42 12.88 -28.39 -14.17
N SER A 43 12.43 -27.25 -13.67
CA SER A 43 11.23 -27.16 -12.87
C SER A 43 10.19 -26.22 -13.43
N PHE A 44 10.58 -25.36 -14.38
CA PHE A 44 9.72 -24.31 -14.92
C PHE A 44 8.49 -24.89 -15.61
N PHE A 45 8.62 -26.04 -16.24
CA PHE A 45 7.55 -26.65 -17.01
C PHE A 45 6.82 -27.68 -16.17
N LYS A 46 5.49 -27.61 -16.18
CA LYS A 46 4.64 -28.55 -15.45
C LYS A 46 3.42 -28.88 -16.29
N PRO A 47 2.89 -30.10 -16.18
CA PRO A 47 1.68 -30.45 -16.92
C PRO A 47 0.46 -29.78 -16.32
N ASN A 48 -0.53 -29.50 -17.18
CA ASN A 48 -1.83 -29.05 -16.69
C ASN A 48 -2.72 -30.26 -16.47
N TYR A 49 -4.00 -30.04 -16.14
CA TYR A 49 -4.85 -31.17 -15.79
C TYR A 49 -5.20 -32.02 -17.00
N LYS A 50 -4.94 -31.54 -18.22
CA LYS A 50 -5.09 -32.33 -19.44
C LYS A 50 -3.78 -32.97 -19.87
N GLY A 51 -2.73 -32.90 -19.05
CA GLY A 51 -1.45 -33.46 -19.39
C GLY A 51 -0.59 -32.65 -20.32
N GLU A 52 -1.00 -31.42 -20.66
CA GLU A 52 -0.18 -30.56 -21.51
C GLU A 52 0.93 -29.89 -20.70
N VAL A 53 2.15 -29.93 -21.22
CA VAL A 53 3.31 -29.40 -20.51
C VAL A 53 3.51 -27.94 -20.88
N LYS A 54 3.47 -27.05 -19.88
CA LYS A 54 3.48 -25.62 -20.10
C LYS A 54 4.34 -24.94 -19.03
N PRO A 55 4.67 -23.67 -19.20
CA PRO A 55 5.14 -22.88 -18.05
C PRO A 55 4.18 -23.08 -16.89
N TRP A 56 4.75 -23.32 -15.71
CA TRP A 56 3.95 -23.76 -14.56
C TRP A 56 2.78 -22.83 -14.29
N PHE A 57 2.97 -21.52 -14.42
CA PHE A 57 1.88 -20.61 -14.08
C PHE A 57 0.77 -20.67 -15.12
N LEU A 58 1.09 -21.03 -16.36
CA LEU A 58 0.03 -21.22 -17.35
C LEU A 58 -0.76 -22.48 -17.06
N SER A 59 -0.09 -23.55 -16.63
CA SER A 59 -0.81 -24.75 -16.22
C SER A 59 -1.68 -24.46 -15.01
N ALA A 60 -1.20 -23.62 -14.09
CA ALA A 60 -2.00 -23.22 -12.94
C ALA A 60 -3.21 -22.40 -13.37
N TYR A 61 -3.03 -21.47 -14.33
CA TYR A 61 -4.16 -20.73 -14.88
C TYR A 61 -5.25 -21.68 -15.37
N ASP A 62 -4.86 -22.73 -16.09
CA ASP A 62 -5.86 -23.66 -16.63
C ASP A 62 -6.68 -24.27 -15.52
N GLU A 63 -6.04 -24.57 -14.39
CA GLU A 63 -6.76 -25.15 -13.26
C GLU A 63 -7.66 -24.12 -12.58
N LYS A 64 -7.23 -22.85 -12.50
CA LYS A 64 -8.12 -21.81 -11.97
C LYS A 64 -9.38 -21.71 -12.80
N VAL A 65 -9.23 -21.69 -14.12
CA VAL A 65 -10.37 -21.61 -15.04
C VAL A 65 -11.29 -22.80 -14.84
N ARG A 66 -10.70 -23.99 -14.73
CA ARG A 66 -11.50 -25.20 -14.55
C ARG A 66 -12.29 -25.15 -13.25
N GLN A 67 -11.67 -24.66 -12.17
CA GLN A 67 -12.36 -24.57 -10.88
C GLN A 67 -13.52 -23.60 -10.92
N ILE A 68 -13.31 -22.40 -11.49
CA ILE A 68 -14.43 -21.46 -11.61
C ILE A 68 -15.57 -22.11 -12.38
N GLU A 69 -15.24 -22.69 -13.54
CA GLU A 69 -16.25 -23.38 -14.35
C GLU A 69 -17.02 -24.41 -13.52
N ASN A 70 -16.33 -25.12 -12.63
CA ASN A 70 -16.95 -26.17 -11.84
C ASN A 70 -17.40 -25.69 -10.46
N GLY A 71 -17.42 -24.39 -10.21
CA GLY A 71 -17.82 -23.87 -8.91
C GLY A 71 -16.95 -24.34 -7.75
N GLU A 72 -15.64 -24.34 -7.93
CA GLU A 72 -14.73 -24.77 -6.87
C GLU A 72 -13.79 -23.64 -6.48
N ASN A 73 -13.42 -23.62 -5.19
CA ASN A 73 -12.48 -22.65 -4.63
C ASN A 73 -11.07 -23.19 -4.54
N GLY A 74 -10.87 -24.47 -4.87
CA GLY A 74 -9.60 -25.13 -4.75
C GLY A 74 -9.77 -26.56 -5.19
N PRO A 75 -8.71 -27.37 -5.10
CA PRO A 75 -8.79 -28.76 -5.58
C PRO A 75 -9.77 -29.57 -4.73
N LYS A 76 -10.78 -30.13 -5.40
CA LYS A 76 -11.81 -30.94 -4.75
C LYS A 76 -12.50 -30.17 -3.61
N MET A 77 -12.57 -28.85 -3.73
CA MET A 77 -13.18 -28.02 -2.69
C MET A 77 -14.28 -27.23 -3.37
N LYS A 78 -15.52 -27.70 -3.24
CA LYS A 78 -16.64 -27.01 -3.86
C LYS A 78 -16.87 -25.67 -3.20
N ALA A 79 -17.16 -24.66 -4.02
CA ALA A 79 -17.57 -23.34 -3.55
C ALA A 79 -19.06 -23.34 -3.24
N LYS A 80 -19.54 -22.24 -2.65
CA LYS A 80 -20.98 -22.10 -2.46
C LYS A 80 -21.70 -22.08 -3.80
N ASN A 81 -21.13 -21.40 -4.78
CA ASN A 81 -21.65 -21.38 -6.15
C ASN A 81 -20.54 -20.85 -7.05
N VAL A 82 -20.82 -20.77 -8.35
CA VAL A 82 -19.79 -20.33 -9.29
C VAL A 82 -19.37 -18.88 -9.00
N GLY A 83 -20.32 -18.03 -8.63
CA GLY A 83 -19.98 -16.64 -8.36
C GLY A 83 -18.99 -16.50 -7.22
N GLU A 84 -19.12 -17.34 -6.18
CA GLU A 84 -18.13 -17.33 -5.11
C GLU A 84 -16.76 -17.79 -5.62
N ALA A 85 -16.74 -18.85 -6.41
CA ALA A 85 -15.48 -19.29 -7.02
C ALA A 85 -14.87 -18.17 -7.85
N ARG A 86 -15.70 -17.52 -8.68
CA ARG A 86 -15.24 -16.39 -9.47
C ARG A 86 -14.67 -15.27 -8.61
N ALA A 87 -15.34 -14.96 -7.49
CA ALA A 87 -14.93 -13.83 -6.67
C ALA A 87 -13.56 -14.06 -6.03
N GLY A 88 -13.29 -15.30 -5.61
CA GLY A 88 -11.99 -15.59 -5.02
C GLY A 88 -10.85 -15.39 -6.00
N ARG A 89 -11.04 -15.82 -7.24
CA ARG A 89 -10.00 -15.61 -8.24
C ARG A 89 -9.88 -14.14 -8.67
N ALA A 90 -11.01 -13.41 -8.68
CA ALA A 90 -10.91 -11.99 -9.01
C ALA A 90 -10.14 -11.23 -7.94
N LEU A 91 -10.36 -11.57 -6.67
CA LEU A 91 -9.62 -10.95 -5.58
C LEU A 91 -8.13 -11.28 -5.69
N GLU A 92 -7.82 -12.55 -5.96
CA GLU A 92 -6.42 -12.96 -6.11
C GLU A 92 -5.76 -12.19 -7.26
N ALA A 93 -6.39 -12.18 -8.43
CA ALA A 93 -5.77 -11.52 -9.57
C ALA A 93 -5.56 -10.04 -9.29
N ALA A 94 -6.57 -9.37 -8.71
CA ALA A 94 -6.44 -7.94 -8.43
C ALA A 94 -5.32 -7.66 -7.45
N GLY A 95 -5.07 -8.57 -6.51
CA GLY A 95 -4.04 -8.33 -5.51
C GLY A 95 -2.68 -8.06 -6.12
N TRP A 96 -2.39 -8.66 -7.27
CA TRP A 96 -1.10 -8.54 -7.93
C TRP A 96 -0.93 -7.22 -8.70
N THR A 97 -1.82 -6.25 -8.53
CA THR A 97 -1.84 -5.09 -9.44
C THR A 97 -0.49 -4.38 -9.51
N LEU A 98 0.22 -4.27 -8.38
CA LEU A 98 1.49 -3.52 -8.38
C LEU A 98 2.69 -4.45 -8.34
N ASP A 99 2.63 -5.58 -9.04
CA ASP A 99 3.72 -6.54 -9.03
C ASP A 99 3.95 -7.02 -10.46
N ILE A 100 5.21 -7.08 -10.89
CA ILE A 100 5.54 -7.44 -12.27
C ILE A 100 5.93 -8.93 -12.29
N ASN A 101 5.19 -9.71 -13.08
CA ASN A 101 5.56 -11.09 -13.42
C ASN A 101 5.89 -11.93 -12.20
N TYR A 102 5.07 -11.78 -11.15
CA TYR A 102 5.14 -12.59 -9.93
C TYR A 102 6.47 -12.39 -9.21
N GLY A 103 6.60 -11.21 -8.61
CA GLY A 103 7.66 -11.03 -7.63
C GLY A 103 8.56 -9.82 -7.82
N ASN A 104 8.41 -9.11 -8.93
CA ASN A 104 9.23 -7.91 -9.17
C ASN A 104 10.72 -8.25 -9.13
N ILE A 105 11.12 -9.38 -9.72
CA ILE A 105 12.49 -9.83 -9.50
C ILE A 105 13.51 -9.11 -10.38
N TYR A 106 13.10 -8.60 -11.56
CA TYR A 106 14.05 -7.92 -12.44
C TYR A 106 14.61 -6.67 -11.79
N PRO A 107 15.91 -6.62 -11.46
CA PRO A 107 16.44 -5.41 -10.83
C PRO A 107 16.50 -4.26 -11.82
N ASN A 108 16.24 -3.06 -11.31
CA ASN A 108 16.37 -1.83 -12.08
C ASN A 108 15.46 -1.82 -13.31
N ARG A 109 14.29 -2.46 -13.20
CA ARG A 109 13.24 -2.40 -14.21
C ARG A 109 11.93 -2.08 -13.53
N PHE A 110 11.04 -1.40 -14.27
CA PHE A 110 9.66 -1.15 -13.83
C PHE A 110 9.62 -0.48 -12.46
N PHE A 111 9.12 -1.17 -11.44
CA PHE A 111 9.02 -0.57 -10.11
C PHE A 111 10.33 -0.60 -9.34
N MET A 112 11.27 -1.46 -9.74
CA MET A 112 12.47 -1.75 -8.97
C MET A 112 13.66 -0.89 -9.41
N LEU A 113 13.46 0.40 -9.68
CA LEU A 113 14.57 1.20 -10.19
C LEU A 113 15.64 1.41 -9.12
N TRP A 114 16.90 1.33 -9.53
CA TRP A 114 18.03 1.48 -8.61
C TRP A 114 18.40 2.93 -8.37
N SER A 115 17.86 3.84 -9.17
CA SER A 115 18.00 5.27 -8.98
C SER A 115 16.62 5.91 -9.04
N GLY A 116 16.40 6.94 -8.23
CA GLY A 116 15.11 7.60 -8.35
C GLY A 116 15.00 8.65 -9.44
N GLU A 117 16.05 8.88 -10.23
CA GLU A 117 16.08 10.12 -11.02
C GLU A 117 14.97 10.18 -12.06
N THR A 118 14.54 9.05 -12.63
CA THR A 118 13.51 9.11 -13.66
C THR A 118 12.09 9.00 -13.12
N MET A 119 11.91 8.73 -11.83
CA MET A 119 10.57 8.53 -11.30
C MET A 119 9.76 9.83 -11.35
N THR A 120 8.46 9.71 -11.62
CA THR A 120 7.61 10.90 -11.67
C THR A 120 7.66 11.69 -10.37
N ASN A 121 7.73 11.01 -9.22
CA ASN A 121 7.79 11.72 -7.94
C ASN A 121 9.07 12.53 -7.80
N THR A 122 10.22 11.93 -8.19
CA THR A 122 11.49 12.64 -8.10
C THR A 122 11.49 13.88 -8.99
N GLN A 123 10.99 13.74 -10.21
CA GLN A 123 10.91 14.87 -11.13
C GLN A 123 10.04 15.98 -10.56
N LEU A 124 8.89 15.63 -10.00
CA LEU A 124 7.99 16.64 -9.44
C LEU A 124 8.66 17.41 -8.30
N TRP A 125 9.47 16.72 -7.49
CA TRP A 125 10.10 17.31 -6.32
C TRP A 125 11.49 17.88 -6.58
N ALA A 126 12.01 17.72 -7.80
CA ALA A 126 13.38 18.13 -8.11
C ALA A 126 13.74 19.56 -7.68
N PRO A 127 12.85 20.56 -7.75
CA PRO A 127 13.27 21.90 -7.30
C PRO A 127 13.68 21.97 -5.84
N VAL A 128 13.18 21.07 -4.99
CA VAL A 128 13.62 21.08 -3.61
C VAL A 128 15.02 20.50 -3.47
N GLY A 129 15.45 19.65 -4.40
CA GLY A 129 16.81 19.15 -4.36
C GLY A 129 17.11 18.18 -3.25
N LEU A 130 16.10 17.52 -2.66
CA LEU A 130 16.37 16.61 -1.56
C LEU A 130 17.29 15.47 -1.97
N ASP A 131 17.19 15.01 -3.21
CA ASP A 131 18.01 13.90 -3.68
C ASP A 131 19.41 14.33 -4.10
N ARG A 132 19.69 15.63 -4.18
CA ARG A 132 21.03 16.12 -4.49
C ARG A 132 21.73 16.79 -3.32
N ARG A 133 21.00 17.14 -2.27
CA ARG A 133 21.61 17.77 -1.11
C ARG A 133 22.35 16.73 -0.28
N PRO A 134 23.58 16.99 0.15
CA PRO A 134 24.31 16.00 0.97
C PRO A 134 23.54 15.72 2.25
N PRO A 135 23.75 14.55 2.86
CA PRO A 135 23.00 14.21 4.07
C PRO A 135 23.18 15.25 5.16
N ASP A 136 22.08 15.60 5.82
CA ASP A 136 22.13 16.44 7.01
C ASP A 136 22.25 15.63 8.29
N THR A 137 22.06 14.32 8.22
CA THR A 137 22.22 13.43 9.36
C THR A 137 23.13 12.28 8.94
N THR A 138 24.20 12.04 9.70
CA THR A 138 25.06 10.90 9.48
C THR A 138 25.12 9.97 10.67
N ASP A 139 24.53 10.36 11.79
CA ASP A 139 24.50 9.57 13.01
C ASP A 139 23.65 8.32 12.81
N PRO A 140 24.23 7.12 12.87
CA PRO A 140 23.42 5.91 12.61
C PRO A 140 22.28 5.74 13.58
N VAL A 141 22.42 6.25 14.81
CA VAL A 141 21.35 6.10 15.80
C VAL A 141 20.12 6.89 15.37
N GLU A 142 20.30 8.17 15.04
CA GLU A 142 19.16 8.95 14.58
C GLU A 142 18.63 8.42 13.24
N LEU A 143 19.52 8.02 12.33
CA LEU A 143 19.08 7.53 11.04
C LEU A 143 18.23 6.27 11.19
N THR A 144 18.60 5.39 12.12
CA THR A 144 17.84 4.17 12.31
C THR A 144 16.44 4.48 12.80
N ASN A 145 16.29 5.44 13.72
CA ASN A 145 14.96 5.83 14.17
C ASN A 145 14.15 6.45 13.02
N TYR A 146 14.77 7.36 12.26
CA TYR A 146 14.08 7.96 11.12
C TYR A 146 13.65 6.91 10.12
N VAL A 147 14.57 6.05 9.69
CA VAL A 147 14.22 5.15 8.59
C VAL A 147 13.20 4.10 9.04
N LYS A 148 13.22 3.69 10.32
CA LYS A 148 12.24 2.71 10.77
C LYS A 148 10.85 3.34 10.91
N PHE A 149 10.79 4.59 11.40
CA PHE A 149 9.53 5.30 11.41
C PHE A 149 8.96 5.37 10.00
N ALA A 150 9.80 5.75 9.02
CA ALA A 150 9.35 5.79 7.63
C ALA A 150 8.88 4.41 7.17
N ALA A 151 9.61 3.36 7.56
CA ALA A 151 9.24 2.01 7.16
C ALA A 151 7.83 1.65 7.65
N ARG A 152 7.48 2.07 8.87
CA ARG A 152 6.14 1.73 9.35
C ARG A 152 5.09 2.52 8.58
N MET A 153 5.34 3.81 8.31
CA MET A 153 4.46 4.59 7.44
C MET A 153 4.28 3.91 6.09
N ALA A 154 5.34 3.26 5.59
CA ALA A 154 5.34 2.66 4.27
C ALA A 154 4.74 1.26 4.26
N GLY A 155 4.15 0.78 5.35
CA GLY A 155 3.38 -0.45 5.32
C GLY A 155 4.05 -1.65 5.94
N ALA A 156 5.23 -1.50 6.51
CA ALA A 156 5.90 -2.63 7.16
C ALA A 156 5.23 -2.86 8.51
N ASP A 157 4.90 -4.12 8.79
CA ASP A 157 4.45 -4.51 10.12
C ASP A 157 5.62 -4.84 11.03
N LEU A 158 6.74 -5.30 10.45
CA LEU A 158 8.00 -5.50 11.15
C LEU A 158 9.10 -4.86 10.34
N VAL A 159 10.12 -4.34 11.00
CA VAL A 159 11.28 -3.81 10.28
C VAL A 159 12.52 -4.08 11.11
N GLY A 160 13.60 -4.52 10.45
CA GLY A 160 14.87 -4.70 11.12
C GLY A 160 16.01 -4.33 10.20
N VAL A 161 17.20 -4.17 10.78
CA VAL A 161 18.40 -3.75 10.05
C VAL A 161 19.50 -4.78 10.28
N ALA A 162 20.23 -5.11 9.22
CA ALA A 162 21.43 -5.93 9.36
C ALA A 162 22.53 -5.36 8.48
N ARG A 163 23.78 -5.64 8.83
CA ARG A 163 24.85 -5.49 7.86
C ARG A 163 24.56 -6.41 6.68
N LEU A 164 24.89 -5.98 5.49
CA LEU A 164 24.63 -6.80 4.30
C LEU A 164 25.64 -7.93 4.22
N ASN A 165 25.13 -9.17 4.26
CA ASN A 165 25.95 -10.37 4.05
C ASN A 165 25.85 -10.74 2.57
N ARG A 166 26.94 -10.55 1.83
CA ARG A 166 26.91 -10.79 0.39
C ARG A 166 26.67 -12.25 0.04
N ASN A 167 26.83 -13.18 1.00
CA ASN A 167 26.56 -14.59 0.72
C ASN A 167 25.14 -14.79 0.20
N TRP A 168 24.20 -13.94 0.61
CA TRP A 168 22.80 -14.12 0.27
C TRP A 168 22.37 -13.31 -0.93
N VAL A 169 23.27 -12.49 -1.49
CA VAL A 169 22.97 -11.76 -2.73
C VAL A 169 23.20 -12.70 -3.90
N TYR A 170 22.23 -12.75 -4.81
CA TYR A 170 22.34 -13.65 -5.95
C TYR A 170 23.62 -13.34 -6.72
N SER A 171 24.30 -14.40 -7.18
CA SER A 171 25.49 -14.21 -8.00
C SER A 171 25.12 -13.59 -9.34
N GLU A 172 24.01 -14.03 -9.92
CA GLU A 172 23.45 -13.45 -11.13
C GLU A 172 21.95 -13.32 -10.96
N ALA A 173 21.39 -12.21 -11.42
CA ALA A 173 19.96 -11.99 -11.36
C ALA A 173 19.28 -12.46 -12.63
N VAL A 174 17.99 -12.77 -12.51
CA VAL A 174 17.13 -12.89 -13.67
C VAL A 174 16.57 -11.52 -14.00
N THR A 175 16.71 -11.11 -15.25
CA THR A 175 16.25 -9.79 -15.64
C THR A 175 15.85 -9.84 -17.12
N ILE A 176 15.57 -8.67 -17.69
CA ILE A 176 15.34 -8.53 -19.13
C ILE A 176 16.23 -7.40 -19.65
N PRO A 177 16.56 -7.40 -20.94
CA PRO A 177 17.30 -6.28 -21.51
C PRO A 177 16.52 -4.98 -21.36
N ALA A 178 17.26 -3.88 -21.22
CA ALA A 178 16.64 -2.58 -20.96
C ALA A 178 15.74 -2.11 -22.09
N ASP A 179 15.94 -2.59 -23.31
CA ASP A 179 15.12 -2.16 -24.44
C ASP A 179 13.91 -3.05 -24.69
N VAL A 180 13.65 -4.04 -23.83
CA VAL A 180 12.54 -4.97 -24.06
C VAL A 180 11.26 -4.46 -23.39
N PRO A 181 10.17 -4.30 -24.14
CA PRO A 181 8.91 -3.84 -23.55
C PRO A 181 8.25 -4.94 -22.75
N TYR A 182 7.25 -4.54 -21.95
CA TYR A 182 6.67 -5.48 -20.99
C TYR A 182 6.07 -6.70 -21.67
N GLU A 183 5.36 -6.51 -22.78
CA GLU A 183 4.61 -7.63 -23.35
C GLU A 183 5.53 -8.74 -23.86
N GLN A 184 6.81 -8.46 -24.07
CA GLN A 184 7.77 -9.48 -24.45
C GLN A 184 8.60 -10.00 -23.28
N SER A 185 8.45 -9.40 -22.09
CA SER A 185 9.37 -9.67 -20.97
C SER A 185 9.49 -11.15 -20.66
N LEU A 186 8.37 -11.87 -20.61
CA LEU A 186 8.42 -13.26 -20.18
C LEU A 186 9.18 -14.13 -21.17
N HIS A 187 9.28 -13.70 -22.42
CA HIS A 187 9.97 -14.44 -23.47
C HIS A 187 11.44 -14.06 -23.58
N LYS A 188 11.86 -12.96 -22.97
CA LYS A 188 13.18 -12.40 -23.21
C LYS A 188 14.03 -12.33 -21.94
N GLU A 189 13.70 -13.14 -20.93
CA GLU A 189 14.47 -13.10 -19.69
C GLU A 189 15.89 -13.60 -19.92
N ILE A 190 16.83 -13.02 -19.16
CA ILE A 190 18.26 -13.29 -19.28
C ILE A 190 18.84 -13.33 -17.87
N GLU A 191 20.11 -13.72 -17.77
CA GLU A 191 20.85 -13.61 -16.52
C GLU A 191 21.81 -12.45 -16.60
N LYS A 192 22.11 -11.86 -15.45
CA LYS A 192 23.05 -10.76 -15.42
C LYS A 192 23.78 -10.74 -14.07
N PRO A 193 25.10 -10.71 -14.06
CA PRO A 193 25.83 -10.77 -12.78
C PRO A 193 25.57 -9.54 -11.90
N ILE A 194 25.49 -9.79 -10.60
CA ILE A 194 25.49 -8.75 -9.58
C ILE A 194 26.88 -8.72 -8.96
N VAL A 195 27.56 -7.57 -9.09
CA VAL A 195 28.94 -7.44 -8.67
C VAL A 195 29.05 -6.24 -7.74
N PHE A 196 30.07 -6.26 -6.89
CA PHE A 196 30.36 -5.18 -5.96
C PHE A 196 31.66 -4.51 -6.40
N LYS A 197 31.60 -3.20 -6.63
CA LYS A 197 32.75 -2.46 -7.14
C LYS A 197 32.88 -1.14 -6.39
N ASP A 198 34.06 -0.54 -6.54
CA ASP A 198 34.34 0.78 -5.96
C ASP A 198 33.76 1.84 -6.88
N VAL A 199 32.47 2.09 -6.74
CA VAL A 199 31.77 3.12 -7.51
C VAL A 199 30.90 3.92 -6.55
N PRO A 200 30.54 5.16 -6.93
CA PRO A 200 29.79 6.00 -5.98
C PRO A 200 28.34 5.59 -5.81
N LEU A 201 27.68 5.16 -6.88
CA LEU A 201 26.25 4.90 -6.86
C LEU A 201 25.93 3.55 -7.49
N PRO A 202 24.81 2.93 -7.12
CA PRO A 202 24.33 1.77 -7.86
C PRO A 202 24.16 2.13 -9.33
N ILE A 203 24.61 1.24 -10.20
CA ILE A 203 24.63 1.51 -11.63
C ILE A 203 24.57 0.19 -12.37
N GLU A 204 23.90 0.19 -13.51
CA GLU A 204 23.78 -0.97 -14.37
C GLU A 204 24.47 -0.65 -15.70
N THR A 205 25.35 -1.55 -16.12
CA THR A 205 25.95 -1.47 -17.44
C THR A 205 25.33 -2.53 -18.33
N ASP A 206 25.74 -2.56 -19.59
CA ASP A 206 25.28 -3.61 -20.48
C ASP A 206 25.59 -4.99 -19.92
N ASP A 207 26.68 -5.13 -19.17
CA ASP A 207 27.16 -6.44 -18.73
C ASP A 207 26.87 -6.77 -17.27
N GLU A 208 26.74 -5.77 -16.40
CA GLU A 208 26.71 -6.04 -14.96
C GLU A 208 25.72 -5.14 -14.25
N LEU A 209 25.14 -5.67 -13.17
CA LEU A 209 24.47 -4.88 -12.15
C LEU A 209 25.49 -4.61 -11.05
N ILE A 210 25.79 -3.33 -10.81
CA ILE A 210 26.92 -2.97 -9.95
C ILE A 210 26.39 -2.33 -8.68
N ILE A 211 26.67 -2.97 -7.56
CA ILE A 211 26.34 -2.47 -6.23
C ILE A 211 27.61 -1.85 -5.64
N PRO A 212 27.57 -0.65 -5.10
CA PRO A 212 28.80 -0.06 -4.56
C PRO A 212 29.29 -0.83 -3.35
N ASN A 213 30.62 -0.84 -3.18
CA ASN A 213 31.23 -1.43 -2.00
C ASN A 213 30.82 -0.71 -0.73
N THR A 214 30.34 0.53 -0.85
CA THR A 214 29.83 1.27 0.30
C THR A 214 28.44 0.82 0.73
N CYS A 215 27.83 -0.16 0.05
CA CYS A 215 26.46 -0.55 0.36
C CYS A 215 26.48 -1.47 1.59
N GLU A 216 26.47 -0.85 2.76
CA GLU A 216 26.82 -1.54 4.00
C GLU A 216 25.65 -2.33 4.60
N ASN A 217 24.43 -1.87 4.40
CA ASN A 217 23.30 -2.30 5.22
C ASN A 217 22.14 -2.79 4.36
N VAL A 218 21.31 -3.63 4.98
CA VAL A 218 20.05 -4.06 4.41
C VAL A 218 18.95 -3.83 5.44
N ILE A 219 17.85 -3.24 5.00
CA ILE A 219 16.66 -3.02 5.81
C ILE A 219 15.62 -4.05 5.37
N VAL A 220 15.13 -4.84 6.30
CA VAL A 220 14.20 -5.94 5.99
C VAL A 220 12.85 -5.59 6.58
N ALA A 221 11.80 -5.73 5.77
CA ALA A 221 10.44 -5.49 6.22
C ALA A 221 9.64 -6.78 6.22
N GLY A 222 8.80 -6.93 7.26
CA GLY A 222 7.77 -7.95 7.29
C GLY A 222 6.41 -7.35 7.00
N ILE A 223 5.70 -7.98 6.06
CA ILE A 223 4.39 -7.53 5.56
C ILE A 223 3.38 -8.62 5.93
N ALA A 224 2.57 -8.39 6.97
CA ALA A 224 1.75 -9.46 7.54
C ALA A 224 0.62 -9.85 6.61
N MET A 225 0.43 -11.16 6.43
CA MET A 225 -0.73 -11.68 5.71
C MET A 225 -1.90 -11.90 6.66
N ASN A 226 -3.05 -12.21 6.09
CA ASN A 226 -4.28 -12.35 6.86
C ASN A 226 -4.45 -13.79 7.32
N ARG A 227 -4.64 -13.97 8.62
CA ARG A 227 -4.74 -15.32 9.20
C ARG A 227 -5.92 -16.11 8.64
N GLU A 228 -7.12 -15.50 8.61
CA GLU A 228 -8.29 -16.26 8.18
C GLU A 228 -8.18 -16.69 6.72
N MET A 229 -7.62 -15.83 5.89
CA MET A 229 -7.47 -16.17 4.48
C MET A 229 -6.39 -17.24 4.26
N MET A 230 -5.27 -17.13 4.96
CA MET A 230 -4.21 -18.14 4.78
C MET A 230 -4.69 -19.51 5.27
N GLN A 231 -5.55 -19.54 6.28
N GLN A 231 -5.56 -19.54 6.27
CA GLN A 231 -6.04 -20.84 6.77
CA GLN A 231 -6.05 -20.82 6.77
C GLN A 231 -6.89 -21.57 5.73
C GLN A 231 -6.97 -21.52 5.77
N THR A 232 -7.29 -20.91 4.65
CA THR A 232 -7.99 -21.58 3.57
C THR A 232 -7.03 -22.26 2.60
N ALA A 233 -5.73 -22.17 2.84
CA ALA A 233 -4.75 -22.87 2.00
C ALA A 233 -5.14 -24.33 1.86
N PRO A 234 -5.01 -24.89 0.64
CA PRO A 234 -4.44 -24.32 -0.59
C PRO A 234 -5.46 -23.66 -1.50
N ASN A 235 -6.55 -23.17 -0.94
CA ASN A 235 -7.65 -22.67 -1.76
C ASN A 235 -7.45 -21.20 -2.10
N SER A 236 -8.43 -20.60 -2.79
CA SER A 236 -8.20 -19.34 -3.47
C SER A 236 -7.95 -18.18 -2.52
N MET A 237 -8.61 -18.15 -1.36
CA MET A 237 -8.46 -16.96 -0.53
C MET A 237 -7.05 -16.86 0.06
N ALA A 238 -6.34 -17.98 0.21
CA ALA A 238 -4.93 -17.92 0.59
C ALA A 238 -4.09 -17.29 -0.52
N CYS A 239 -4.43 -17.57 -1.78
CA CYS A 239 -3.80 -16.89 -2.90
C CYS A 239 -4.03 -15.38 -2.85
N ALA A 240 -5.19 -14.95 -2.36
CA ALA A 240 -5.50 -13.52 -2.39
C ALA A 240 -4.71 -12.74 -1.36
N THR A 241 -4.56 -13.27 -0.13
CA THR A 241 -3.76 -12.54 0.84
C THR A 241 -2.29 -12.52 0.42
N THR A 242 -1.81 -13.61 -0.18
CA THR A 242 -0.47 -13.61 -0.77
C THR A 242 -0.33 -12.49 -1.80
N ALA A 243 -1.26 -12.43 -2.74
CA ALA A 243 -1.17 -11.47 -3.84
C ALA A 243 -1.19 -10.02 -3.34
N PHE A 244 -2.17 -9.67 -2.52
CA PHE A 244 -2.24 -8.29 -2.01
C PHE A 244 -0.93 -7.89 -1.31
N CYS A 245 -0.31 -8.83 -0.59
CA CYS A 245 0.91 -8.48 0.12
C CYS A 245 2.09 -8.25 -0.81
N TYR A 246 2.11 -8.90 -1.98
CA TYR A 246 3.15 -8.56 -2.95
C TYR A 246 3.01 -7.12 -3.41
N SER A 247 1.78 -6.62 -3.59
CA SER A 247 1.65 -5.22 -3.98
C SER A 247 2.02 -4.30 -2.82
N ARG A 248 1.73 -4.72 -1.58
CA ARG A 248 2.19 -3.95 -0.42
C ARG A 248 3.72 -3.91 -0.36
N MET A 249 4.36 -5.03 -0.69
CA MET A 249 5.83 -5.08 -0.73
C MET A 249 6.38 -4.05 -1.71
N CYS A 250 5.80 -4.00 -2.91
CA CYS A 250 6.28 -3.06 -3.92
C CYS A 250 6.15 -1.61 -3.46
N MET A 251 5.00 -1.25 -2.88
N MET A 251 4.98 -1.25 -2.92
CA MET A 251 4.83 0.12 -2.42
CA MET A 251 4.79 0.10 -2.40
C MET A 251 5.80 0.44 -1.29
C MET A 251 5.82 0.42 -1.32
N PHE A 252 6.05 -0.54 -0.41
CA PHE A 252 7.04 -0.34 0.65
C PHE A 252 8.41 0.00 0.08
N ASP A 253 8.92 -0.84 -0.83
CA ASP A 253 10.24 -0.60 -1.41
C ASP A 253 10.34 0.78 -2.02
N MET A 254 9.32 1.18 -2.79
CA MET A 254 9.41 2.46 -3.50
C MET A 254 9.33 3.61 -2.51
N TRP A 255 8.36 3.56 -1.59
CA TRP A 255 8.27 4.57 -0.54
C TRP A 255 9.60 4.72 0.20
N LEU A 256 10.17 3.60 0.65
CA LEU A 256 11.34 3.67 1.52
C LEU A 256 12.58 4.11 0.74
N CYS A 257 12.75 3.61 -0.47
CA CYS A 257 13.89 4.04 -1.28
C CYS A 257 13.85 5.54 -1.51
N GLN A 258 12.65 6.07 -1.77
CA GLN A 258 12.53 7.51 -1.98
C GLN A 258 12.84 8.29 -0.72
N PHE A 259 12.38 7.82 0.45
CA PHE A 259 12.78 8.47 1.69
C PHE A 259 14.30 8.46 1.86
N ILE A 260 14.93 7.31 1.63
CA ILE A 260 16.37 7.22 1.83
C ILE A 260 17.10 8.14 0.88
N ARG A 261 16.68 8.16 -0.40
CA ARG A 261 17.28 9.05 -1.38
C ARG A 261 17.10 10.51 -1.00
N TYR A 262 15.92 10.89 -0.53
CA TYR A 262 15.65 12.26 -0.13
C TYR A 262 16.36 12.64 1.17
N MET A 263 16.92 11.67 1.87
CA MET A 263 17.79 11.91 3.00
C MET A 263 19.24 12.06 2.61
N GLY A 264 19.57 11.87 1.33
CA GLY A 264 20.92 12.07 0.83
C GLY A 264 21.75 10.81 0.63
N TYR A 265 21.11 9.65 0.64
CA TYR A 265 21.78 8.37 0.46
C TYR A 265 21.20 7.67 -0.76
N TYR A 266 21.77 6.54 -1.14
CA TYR A 266 21.19 5.75 -2.21
C TYR A 266 20.48 4.54 -1.64
N ALA A 267 19.65 3.91 -2.47
CA ALA A 267 18.79 2.82 -2.00
C ALA A 267 18.41 1.95 -3.18
N ILE A 268 18.48 0.64 -2.96
CA ILE A 268 18.20 -0.36 -3.98
C ILE A 268 16.98 -1.15 -3.52
N PRO A 269 15.87 -1.12 -4.25
CA PRO A 269 14.71 -1.95 -3.89
C PRO A 269 14.94 -3.40 -4.35
N SER A 270 14.03 -4.30 -3.97
CA SER A 270 14.23 -5.66 -4.45
C SER A 270 12.99 -6.54 -4.50
N CYS A 271 12.05 -6.41 -3.56
CA CYS A 271 10.94 -7.38 -3.45
C CYS A 271 11.50 -8.80 -3.49
N ASN A 272 11.11 -9.65 -4.46
CA ASN A 272 11.64 -11.01 -4.51
C ASN A 272 12.98 -11.14 -5.24
N GLY A 273 13.53 -10.04 -5.78
CA GLY A 273 14.80 -10.09 -6.49
C GLY A 273 16.01 -9.88 -5.58
N VAL A 274 17.18 -9.86 -6.24
CA VAL A 274 18.48 -9.39 -5.73
C VAL A 274 19.11 -10.38 -4.74
N GLY A 275 18.34 -10.86 -3.77
CA GLY A 275 18.90 -11.78 -2.81
C GLY A 275 17.85 -12.52 -2.02
N GLN A 276 18.32 -13.38 -1.11
CA GLN A 276 17.46 -14.33 -0.40
C GLN A 276 16.91 -13.67 0.85
N SER A 277 15.61 -13.35 0.81
CA SER A 277 14.96 -12.59 1.88
C SER A 277 14.99 -13.29 3.24
N VAL A 278 14.86 -14.62 3.26
CA VAL A 278 14.80 -15.32 4.55
C VAL A 278 16.12 -15.16 5.30
N ALA A 279 17.25 -15.24 4.60
CA ALA A 279 18.53 -15.10 5.28
C ALA A 279 18.71 -13.67 5.82
N PHE A 280 18.35 -12.68 5.02
CA PHE A 280 18.43 -11.30 5.49
C PHE A 280 17.53 -11.08 6.70
N ALA A 281 16.31 -11.63 6.66
CA ALA A 281 15.37 -11.47 7.76
C ALA A 281 15.91 -12.07 9.06
N VAL A 282 16.56 -13.24 8.95
CA VAL A 282 17.15 -13.87 10.12
C VAL A 282 18.28 -13.00 10.66
N GLU A 283 19.15 -12.51 9.79
CA GLU A 283 20.26 -11.69 10.25
C GLU A 283 19.80 -10.36 10.80
N ALA A 284 18.64 -9.86 10.35
CA ALA A 284 18.09 -8.60 10.83
C ALA A 284 17.23 -8.77 12.08
N GLY A 285 17.08 -10.00 12.57
CA GLY A 285 16.36 -10.25 13.80
C GLY A 285 14.84 -10.28 13.70
N LEU A 286 14.26 -10.36 12.49
CA LEU A 286 12.81 -10.49 12.41
C LEU A 286 12.35 -11.84 12.96
N GLY A 287 13.12 -12.89 12.77
CA GLY A 287 12.73 -14.20 13.22
C GLY A 287 13.83 -15.22 13.03
N GLN A 288 13.44 -16.50 13.08
CA GLN A 288 14.37 -17.60 12.86
C GLN A 288 13.96 -18.43 11.66
N ALA A 289 14.94 -19.05 11.02
CA ALA A 289 14.65 -20.05 10.00
C ALA A 289 13.97 -21.26 10.62
N SER A 290 13.29 -22.05 9.77
CA SER A 290 12.33 -23.04 10.21
C SER A 290 12.46 -24.27 9.33
N ARG A 291 11.80 -25.36 9.75
CA ARG A 291 11.80 -26.57 8.94
C ARG A 291 11.24 -26.30 7.55
N MET A 292 10.13 -25.57 7.45
CA MET A 292 9.57 -25.36 6.12
C MET A 292 10.49 -24.49 5.27
N GLY A 293 11.37 -23.71 5.91
CA GLY A 293 12.32 -22.86 5.22
C GLY A 293 12.01 -21.37 5.32
N ALA A 294 10.86 -21.00 5.85
CA ALA A 294 10.49 -19.61 5.99
C ALA A 294 11.09 -19.02 7.26
N CYS A 295 11.11 -17.69 7.32
CA CYS A 295 11.41 -16.99 8.56
C CYS A 295 10.17 -16.98 9.44
N ILE A 296 10.27 -17.56 10.65
CA ILE A 296 9.18 -17.57 11.61
C ILE A 296 9.39 -16.42 12.59
N THR A 297 8.36 -15.52 12.71
CA THR A 297 8.42 -14.36 13.59
C THR A 297 7.58 -14.60 14.83
N PRO A 298 7.92 -13.96 15.96
CA PRO A 298 7.06 -14.12 17.15
C PRO A 298 5.65 -13.60 16.95
N GLU A 299 5.47 -12.58 16.12
CA GLU A 299 4.18 -11.91 15.99
C GLU A 299 3.25 -12.65 15.02
N PHE A 300 3.80 -13.17 13.93
CA PHE A 300 3.00 -13.72 12.85
C PHE A 300 3.33 -15.16 12.51
N GLY A 301 4.30 -15.77 13.18
CA GLY A 301 4.84 -17.03 12.71
C GLY A 301 5.39 -16.82 11.32
N PRO A 302 5.25 -17.82 10.45
CA PRO A 302 5.68 -17.64 9.06
C PRO A 302 4.67 -16.91 8.18
N ASN A 303 3.51 -16.53 8.72
CA ASN A 303 2.44 -15.93 7.92
C ASN A 303 2.69 -14.43 7.68
N VAL A 304 3.82 -14.15 7.05
CA VAL A 304 4.28 -12.78 6.84
C VAL A 304 5.18 -12.78 5.61
N ARG A 305 5.00 -11.82 4.71
CA ARG A 305 5.89 -11.70 3.57
C ARG A 305 7.06 -10.79 3.92
N LEU A 306 8.13 -10.93 3.14
CA LEU A 306 9.38 -10.20 3.34
C LEU A 306 9.73 -9.41 2.09
N THR A 307 10.26 -8.20 2.28
CA THR A 307 10.98 -7.50 1.22
C THR A 307 12.17 -6.83 1.89
N LYS A 308 13.02 -6.19 1.10
CA LYS A 308 14.22 -5.59 1.68
C LYS A 308 14.75 -4.51 0.75
N VAL A 309 15.50 -3.57 1.35
CA VAL A 309 16.11 -2.45 0.67
C VAL A 309 17.57 -2.38 1.14
N PHE A 310 18.48 -2.16 0.19
CA PHE A 310 19.92 -2.10 0.46
C PHE A 310 20.39 -0.66 0.39
N THR A 311 21.29 -0.26 1.30
CA THR A 311 21.63 1.16 1.34
C THR A 311 22.98 1.41 2.01
N ASN A 312 23.59 2.54 1.66
CA ASN A 312 24.77 3.05 2.35
C ASN A 312 24.43 3.93 3.54
N MET A 313 23.15 4.20 3.79
CA MET A 313 22.76 4.97 4.98
C MET A 313 23.36 4.33 6.23
N PRO A 314 24.13 5.08 7.03
CA PRO A 314 24.61 4.52 8.31
C PRO A 314 23.43 4.13 9.19
N LEU A 315 23.49 2.92 9.73
CA LEU A 315 22.41 2.38 10.54
C LEU A 315 23.00 1.53 11.65
N VAL A 316 22.21 1.29 12.69
CA VAL A 316 22.57 0.40 13.79
C VAL A 316 21.96 -0.97 13.51
N PRO A 317 22.76 -2.02 13.32
CA PRO A 317 22.17 -3.34 13.08
C PRO A 317 21.39 -3.82 14.31
N ASP A 318 20.28 -4.49 14.05
CA ASP A 318 19.52 -5.10 15.13
C ASP A 318 20.19 -6.41 15.54
N LYS A 319 19.84 -6.88 16.73
CA LYS A 319 20.36 -8.16 17.20
C LYS A 319 19.51 -9.30 16.65
N PRO A 320 20.11 -10.44 16.31
CA PRO A 320 19.31 -11.61 15.95
C PRO A 320 18.47 -12.05 17.14
N ILE A 321 17.48 -12.88 16.87
CA ILE A 321 16.58 -13.39 17.90
C ILE A 321 16.61 -14.91 17.90
N ASP A 322 16.54 -15.50 19.09
CA ASP A 322 16.44 -16.96 19.21
C ASP A 322 15.35 -17.22 20.25
N PHE A 323 14.14 -17.51 19.78
CA PHE A 323 13.04 -17.82 20.69
C PHE A 323 12.68 -19.30 20.66
N GLY A 324 13.65 -20.16 20.33
CA GLY A 324 13.43 -21.59 20.37
C GLY A 324 12.85 -22.23 19.12
N VAL A 325 12.82 -21.54 17.99
CA VAL A 325 12.17 -22.11 16.80
C VAL A 325 12.87 -23.40 16.38
N THR A 326 14.21 -23.37 16.31
CA THR A 326 14.93 -24.56 15.86
C THR A 326 14.54 -25.78 16.67
N GLU A 327 14.40 -25.62 17.99
CA GLU A 327 14.13 -26.76 18.86
C GLU A 327 12.70 -27.25 18.70
N PHE A 328 11.74 -26.34 18.44
CA PHE A 328 10.38 -26.79 18.18
C PHE A 328 10.28 -27.46 16.82
N CYS A 329 10.97 -26.93 15.80
CA CYS A 329 10.93 -27.56 14.48
C CYS A 329 11.57 -28.94 14.50
N GLU A 330 12.53 -29.16 15.41
CA GLU A 330 13.18 -30.45 15.52
C GLU A 330 12.18 -31.55 15.83
N THR A 331 11.17 -31.25 16.66
CA THR A 331 10.21 -32.24 17.14
C THR A 331 8.82 -32.09 16.55
N CYS A 332 8.52 -30.97 15.90
CA CYS A 332 7.15 -30.72 15.44
C CYS A 332 6.80 -31.50 14.16
N LYS A 333 7.40 -31.10 13.03
CA LYS A 333 7.21 -31.73 11.72
C LYS A 333 5.78 -31.66 11.16
N LYS A 334 4.90 -30.79 11.69
CA LYS A 334 3.53 -30.71 11.17
C LYS A 334 3.50 -30.33 9.70
N CYS A 335 4.28 -29.32 9.32
CA CYS A 335 4.30 -28.88 7.93
C CYS A 335 4.72 -30.03 7.01
N ALA A 336 5.71 -30.82 7.44
CA ALA A 336 6.18 -31.94 6.63
C ALA A 336 5.10 -33.01 6.47
N ARG A 337 4.32 -33.26 7.52
CA ARG A 337 3.30 -34.29 7.42
C ARG A 337 2.10 -33.84 6.60
N GLU A 338 1.76 -32.55 6.66
CA GLU A 338 0.63 -32.01 5.93
C GLU A 338 0.96 -31.58 4.51
N CYS A 339 2.23 -31.43 4.17
CA CYS A 339 2.58 -30.91 2.84
C CYS A 339 2.01 -31.80 1.75
N PRO A 340 1.14 -31.28 0.85
CA PRO A 340 0.50 -32.18 -0.13
C PRO A 340 1.46 -32.78 -1.13
N SER A 341 2.68 -32.26 -1.25
CA SER A 341 3.65 -32.78 -2.21
C SER A 341 4.82 -33.48 -1.55
N LYS A 342 4.84 -33.59 -0.22
CA LYS A 342 5.96 -34.20 0.50
C LYS A 342 7.28 -33.49 0.19
N ALA A 343 7.23 -32.18 -0.02
CA ALA A 343 8.43 -31.42 -0.35
C ALA A 343 9.30 -31.16 0.87
N ILE A 344 8.73 -31.13 2.07
CA ILE A 344 9.47 -30.71 3.26
C ILE A 344 10.05 -31.95 3.94
N THR A 345 11.35 -31.89 4.23
CA THR A 345 12.03 -33.03 4.83
C THR A 345 11.60 -33.22 6.28
N GLU A 346 11.54 -34.49 6.69
CA GLU A 346 11.35 -34.84 8.09
C GLU A 346 12.66 -35.12 8.79
N GLY A 347 13.79 -35.02 8.09
CA GLY A 347 15.09 -35.36 8.64
C GLY A 347 15.80 -34.18 9.27
N PRO A 348 17.08 -34.35 9.58
CA PRO A 348 17.86 -33.30 10.24
C PRO A 348 18.36 -32.25 9.26
N ARG A 349 18.85 -31.14 9.81
CA ARG A 349 19.48 -30.13 8.98
C ARG A 349 20.83 -30.63 8.47
N THR A 350 21.19 -30.23 7.26
CA THR A 350 22.50 -30.54 6.68
C THR A 350 23.02 -29.30 5.96
N PHE A 351 24.29 -29.38 5.55
CA PHE A 351 24.91 -28.40 4.66
C PHE A 351 24.79 -28.76 3.20
N GLU A 352 24.15 -29.88 2.86
CA GLU A 352 24.16 -30.42 1.50
C GLU A 352 22.81 -30.17 0.84
N GLY A 353 22.82 -29.42 -0.26
CA GLY A 353 21.58 -29.15 -0.96
C GLY A 353 20.91 -30.41 -1.46
N ARG A 354 19.59 -30.40 -1.45
CA ARG A 354 18.83 -31.55 -1.94
C ARG A 354 18.87 -31.61 -3.46
N SER A 355 18.79 -30.46 -4.11
CA SER A 355 18.84 -30.37 -5.56
C SER A 355 19.39 -29.01 -5.92
N ILE A 356 19.36 -28.70 -7.21
CA ILE A 356 19.89 -27.44 -7.73
C ILE A 356 19.20 -26.24 -7.08
N HIS A 357 17.96 -26.39 -6.61
CA HIS A 357 17.22 -25.25 -6.08
C HIS A 357 17.72 -24.79 -4.71
N ASN A 358 18.45 -25.63 -3.99
CA ASN A 358 18.99 -25.27 -2.68
C ASN A 358 20.40 -24.73 -2.82
N GLN A 359 20.73 -23.74 -2.00
CA GLN A 359 22.10 -23.24 -1.89
C GLN A 359 22.83 -24.08 -0.84
N SER A 360 23.83 -24.87 -1.28
CA SER A 360 24.61 -25.69 -0.35
C SER A 360 25.58 -24.82 0.46
N GLY A 361 26.05 -25.40 1.57
CA GLY A 361 27.04 -24.72 2.38
C GLY A 361 26.49 -23.91 3.53
N LYS A 362 25.20 -24.00 3.82
CA LYS A 362 24.61 -23.36 4.99
C LYS A 362 23.70 -24.36 5.67
N LEU A 363 23.74 -24.40 7.00
CA LEU A 363 22.99 -25.40 7.75
C LEU A 363 21.50 -25.04 7.77
N GLN A 364 20.67 -25.92 7.23
CA GLN A 364 19.24 -25.66 7.11
C GLN A 364 18.56 -26.98 6.87
N TRP A 365 17.24 -26.99 7.07
CA TRP A 365 16.45 -28.12 6.60
C TRP A 365 16.33 -28.01 5.08
N GLN A 366 16.69 -29.09 4.38
CA GLN A 366 16.83 -29.10 2.92
C GLN A 366 15.54 -29.66 2.31
N ASN A 367 14.77 -28.82 1.65
CA ASN A 367 13.49 -29.21 1.09
C ASN A 367 13.56 -29.31 -0.43
N ASP A 368 12.66 -30.13 -1.01
CA ASP A 368 12.62 -30.34 -2.46
C ASP A 368 11.63 -29.35 -3.04
N TYR A 369 12.13 -28.25 -3.58
CA TYR A 369 11.21 -27.20 -4.00
C TYR A 369 10.64 -27.42 -5.40
N ASN A 370 11.17 -28.38 -6.16
CA ASN A 370 10.48 -28.79 -7.38
C ASN A 370 9.18 -29.54 -7.03
N LYS A 371 9.20 -30.35 -5.98
CA LYS A 371 7.97 -31.00 -5.53
C LYS A 371 6.94 -29.97 -5.09
N CYS A 372 7.37 -28.97 -4.31
CA CYS A 372 6.45 -27.90 -3.92
C CYS A 372 5.82 -27.25 -5.14
N LEU A 373 6.63 -26.73 -6.06
CA LEU A 373 6.08 -26.04 -7.22
C LEU A 373 5.16 -26.94 -8.02
N GLY A 374 5.47 -28.24 -8.08
CA GLY A 374 4.63 -29.19 -8.80
C GLY A 374 3.20 -29.22 -8.32
N TYR A 375 2.97 -28.94 -7.03
CA TYR A 375 1.60 -28.92 -6.52
C TYR A 375 0.83 -27.66 -6.90
N TRP A 376 1.52 -26.61 -7.34
CA TRP A 376 0.80 -25.36 -7.61
C TRP A 376 -0.10 -25.48 -8.84
N PRO A 377 0.36 -25.97 -10.00
CA PRO A 377 -0.59 -26.20 -11.10
C PRO A 377 -1.69 -27.18 -10.73
N GLU A 378 -1.34 -28.19 -9.93
CA GLU A 378 -2.33 -29.20 -9.57
C GLU A 378 -3.45 -28.59 -8.74
N SER A 379 -3.12 -27.68 -7.84
CA SER A 379 -4.10 -27.05 -6.97
C SER A 379 -4.60 -25.71 -7.50
N GLY A 380 -3.96 -25.17 -8.53
CA GLY A 380 -4.39 -23.88 -9.08
C GLY A 380 -4.16 -22.70 -8.17
N GLY A 381 -3.15 -22.79 -7.30
CA GLY A 381 -2.87 -21.68 -6.41
C GLY A 381 -1.41 -21.63 -5.99
N TYR A 382 -1.15 -21.04 -4.81
CA TYR A 382 0.20 -20.93 -4.29
C TYR A 382 0.32 -21.72 -2.99
N CYS A 383 -0.56 -22.71 -2.83
CA CYS A 383 -0.62 -23.58 -1.67
C CYS A 383 -0.56 -22.76 -0.38
N GLY A 384 0.52 -22.88 0.39
CA GLY A 384 0.59 -22.28 1.71
C GLY A 384 0.13 -23.16 2.85
N VAL A 385 -0.11 -24.44 2.60
CA VAL A 385 -0.58 -25.34 3.67
C VAL A 385 0.42 -25.36 4.82
N CYS A 386 1.72 -25.40 4.50
CA CYS A 386 2.76 -25.38 5.53
C CYS A 386 2.61 -24.16 6.45
N VAL A 387 2.42 -22.97 5.86
CA VAL A 387 2.23 -21.76 6.65
C VAL A 387 0.95 -21.86 7.47
N ALA A 388 -0.11 -22.38 6.87
CA ALA A 388 -1.42 -22.45 7.52
C ALA A 388 -1.40 -23.41 8.71
N VAL A 389 -0.69 -24.52 8.60
CA VAL A 389 -0.70 -25.51 9.69
C VAL A 389 0.35 -25.24 10.76
N CYS A 390 1.32 -24.38 10.49
CA CYS A 390 2.38 -24.13 11.47
C CYS A 390 1.79 -23.56 12.77
N PRO A 391 2.07 -24.16 13.94
CA PRO A 391 1.51 -23.60 15.18
C PRO A 391 1.91 -22.17 15.42
N PHE A 392 3.07 -21.72 14.94
CA PHE A 392 3.46 -20.33 15.14
C PHE A 392 2.55 -19.37 14.37
N THR A 393 1.86 -19.84 13.33
CA THR A 393 0.89 -18.99 12.65
C THR A 393 -0.35 -18.72 13.50
N LYS A 394 -0.63 -19.55 14.50
CA LYS A 394 -1.72 -19.26 15.45
C LYS A 394 -1.41 -17.98 16.23
N GLY A 395 -2.44 -17.18 16.47
CA GLY A 395 -2.21 -15.92 17.15
C GLY A 395 -2.01 -15.99 18.65
N ASN A 396 -2.10 -17.18 19.24
CA ASN A 396 -2.23 -17.36 20.69
C ASN A 396 -1.13 -18.24 21.27
N ILE A 397 0.10 -18.10 20.80
CA ILE A 397 1.13 -19.05 21.18
C ILE A 397 1.82 -18.67 22.49
N TRP A 398 1.81 -17.39 22.84
CA TRP A 398 2.69 -16.87 23.89
C TRP A 398 1.99 -16.88 25.23
N ILE A 399 2.68 -17.36 26.26
CA ILE A 399 2.16 -17.28 27.61
C ILE A 399 3.27 -16.78 28.51
N HIS A 400 2.87 -16.18 29.63
CA HIS A 400 3.81 -15.62 30.58
C HIS A 400 3.63 -16.37 31.89
N ASP A 401 4.73 -16.83 32.49
CA ASP A 401 4.60 -17.70 33.64
C ASP A 401 4.78 -16.96 34.97
N GLY A 402 4.70 -15.63 34.96
CA GLY A 402 5.01 -14.82 36.11
C GLY A 402 6.44 -14.33 36.16
N VAL A 403 7.35 -15.00 35.46
CA VAL A 403 8.74 -14.60 35.38
C VAL A 403 9.12 -14.18 33.96
N GLU A 404 8.73 -14.98 32.96
CA GLU A 404 9.18 -14.72 31.60
C GLU A 404 8.17 -15.31 30.61
N TRP A 405 8.36 -14.97 29.33
CA TRP A 405 7.51 -15.46 28.26
C TRP A 405 7.98 -16.85 27.81
N LEU A 406 7.02 -17.64 27.34
CA LEU A 406 7.32 -18.95 26.80
C LEU A 406 6.27 -19.34 25.77
N ILE A 407 6.61 -20.35 24.98
N ILE A 407 6.62 -20.34 24.96
CA ILE A 407 5.72 -20.91 23.96
CA ILE A 407 5.72 -20.92 23.96
C ILE A 407 4.88 -22.01 24.60
C ILE A 407 4.87 -21.98 24.64
N ASP A 408 3.57 -21.98 24.33
CA ASP A 408 2.65 -22.99 24.87
C ASP A 408 2.79 -24.28 24.06
N ASN A 409 3.38 -25.31 24.66
CA ASN A 409 3.57 -26.57 23.96
C ASN A 409 2.26 -27.22 23.53
N THR A 410 1.13 -26.84 24.12
CA THR A 410 -0.12 -27.53 23.78
C THR A 410 -0.49 -27.29 22.33
N ARG A 411 -0.05 -26.17 21.77
CA ARG A 411 -0.27 -25.82 20.36
C ARG A 411 0.46 -26.74 19.40
N PHE A 412 1.39 -27.55 19.87
CA PHE A 412 2.17 -28.41 19.00
C PHE A 412 1.73 -29.87 19.07
N LEU A 413 0.71 -30.19 19.86
CA LEU A 413 0.24 -31.57 19.97
C LEU A 413 -0.47 -32.04 18.70
N ASN A 431 -14.70 -22.50 6.31
CA ASN A 431 -14.80 -22.50 4.86
C ASN A 431 -14.72 -21.09 4.29
N ILE A 432 -14.68 -21.00 2.96
CA ILE A 432 -14.41 -19.72 2.29
C ILE A 432 -15.63 -18.80 2.32
N THR A 433 -16.84 -19.34 2.30
CA THR A 433 -18.02 -18.50 2.48
C THR A 433 -17.95 -17.75 3.82
N GLU A 434 -17.57 -18.44 4.89
CA GLU A 434 -17.48 -17.80 6.21
C GLU A 434 -16.39 -16.75 6.24
N VAL A 435 -15.33 -16.92 5.44
CA VAL A 435 -14.30 -15.88 5.34
C VAL A 435 -14.86 -14.63 4.66
N TRP A 436 -15.51 -14.79 3.50
CA TRP A 436 -16.13 -13.65 2.84
C TRP A 436 -17.16 -12.97 3.72
N ASP A 437 -17.86 -13.72 4.56
CA ASP A 437 -18.89 -13.14 5.43
C ASP A 437 -18.35 -12.75 6.79
N GLY A 438 -17.07 -12.97 7.07
CA GLY A 438 -16.54 -12.82 8.40
C GLY A 438 -15.71 -11.57 8.60
N LYS A 439 -14.86 -11.64 9.62
CA LYS A 439 -14.09 -10.49 10.07
C LYS A 439 -13.05 -10.04 9.05
N ILE A 440 -12.97 -8.73 8.85
CA ILE A 440 -11.90 -8.14 8.04
C ILE A 440 -11.67 -6.72 8.56
N ASN A 441 -10.48 -6.20 8.28
CA ASN A 441 -10.13 -4.84 8.66
C ASN A 441 -9.12 -4.33 7.62
N THR A 442 -8.63 -3.12 7.82
CA THR A 442 -7.84 -2.47 6.78
C THR A 442 -6.59 -3.28 6.46
N TYR A 443 -6.35 -3.53 5.17
CA TYR A 443 -5.20 -4.30 4.67
C TYR A 443 -5.23 -5.75 5.17
N GLY A 444 -6.40 -6.21 5.62
CA GLY A 444 -6.50 -7.52 6.24
C GLY A 444 -5.81 -7.65 7.58
N LEU A 445 -5.37 -6.55 8.20
CA LEU A 445 -4.78 -6.59 9.52
C LEU A 445 -5.86 -6.86 10.57
N ASP A 446 -5.43 -7.39 11.73
CA ASP A 446 -6.35 -7.86 12.78
C ASP A 446 -6.19 -6.96 14.00
N ALA A 447 -7.24 -6.21 14.32
CA ALA A 447 -7.18 -5.31 15.47
C ALA A 447 -6.98 -6.06 16.78
N ASP A 448 -7.30 -7.36 16.85
CA ASP A 448 -7.03 -8.13 18.06
C ASP A 448 -5.54 -8.32 18.32
N HIS A 449 -4.69 -8.18 17.32
CA HIS A 449 -3.26 -8.35 17.47
C HIS A 449 -2.42 -7.14 17.03
N PHE A 450 -3.06 -6.13 16.43
CA PHE A 450 -2.33 -5.00 15.87
C PHE A 450 -1.52 -4.25 16.93
N ARG A 451 -1.92 -4.33 18.21
CA ARG A 451 -1.10 -3.74 19.26
C ARG A 451 0.28 -4.35 19.32
N ASP A 452 0.45 -5.61 18.87
CA ASP A 452 1.76 -6.25 18.94
C ASP A 452 2.81 -5.51 18.12
N THR A 453 2.42 -4.73 17.12
CA THR A 453 3.43 -4.05 16.29
C THR A 453 3.49 -2.56 16.53
N VAL A 454 2.93 -2.07 17.64
CA VAL A 454 3.15 -0.67 18.01
C VAL A 454 4.65 -0.45 18.26
N SER A 455 5.11 0.75 17.94
CA SER A 455 6.54 1.04 18.00
C SER A 455 6.78 2.43 18.58
N PHE A 456 7.68 2.49 19.56
CA PHE A 456 8.23 3.73 20.09
C PHE A 456 9.72 3.75 19.81
N ARG A 457 10.36 4.90 20.07
CA ARG A 457 11.79 5.02 19.76
C ARG A 457 12.59 3.87 20.37
N LYS A 458 12.26 3.48 21.60
CA LYS A 458 13.08 2.49 22.28
C LYS A 458 13.09 1.16 21.53
N ASP A 459 12.04 0.83 20.81
CA ASP A 459 12.09 -0.42 20.07
C ASP A 459 12.49 -0.24 18.61
N ARG A 460 12.83 0.98 18.19
CA ARG A 460 13.44 1.20 16.89
C ARG A 460 14.96 1.23 16.97
N VAL A 461 15.53 1.82 18.02
CA VAL A 461 16.97 1.90 18.12
C VAL A 461 17.34 1.95 19.60
N LYS A 462 18.48 1.35 19.94
CA LYS A 462 18.88 1.22 21.34
C LYS A 462 20.07 2.12 21.65
N ALA B 7 -18.41 0.94 17.13
CA ALA B 7 -18.59 1.89 16.03
C ALA B 7 -19.73 1.45 15.12
N ALA B 8 -19.84 0.13 14.91
CA ALA B 8 -20.95 -0.39 14.12
C ALA B 8 -22.28 -0.08 14.78
N GLU B 9 -22.32 -0.05 16.11
CA GLU B 9 -23.53 0.37 16.82
C GLU B 9 -23.83 1.84 16.55
N ILE B 10 -22.81 2.69 16.59
CA ILE B 10 -23.02 4.13 16.41
C ILE B 10 -23.58 4.41 15.02
N ARG B 11 -23.01 3.79 13.99
CA ARG B 11 -23.44 4.09 12.63
C ARG B 11 -24.88 3.67 12.39
N GLN B 12 -25.29 2.54 12.96
CA GLN B 12 -26.68 2.12 12.80
C GLN B 12 -27.61 3.03 13.60
N GLN B 13 -27.16 3.49 14.77
CA GLN B 13 -27.97 4.40 15.58
C GLN B 13 -28.29 5.68 14.82
N PHE B 14 -27.35 6.16 14.01
CA PHE B 14 -27.49 7.47 13.38
C PHE B 14 -27.85 7.39 11.90
N ALA B 15 -28.23 6.21 11.41
CA ALA B 15 -28.64 6.10 10.01
C ALA B 15 -29.86 6.97 9.73
N MET B 16 -29.82 7.69 8.61
CA MET B 16 -30.98 8.41 8.12
C MET B 16 -31.78 7.51 7.20
N THR B 17 -33.02 7.93 6.91
CA THR B 17 -33.76 7.33 5.82
C THR B 17 -33.07 7.64 4.49
N ALA B 18 -33.45 6.93 3.45
CA ALA B 18 -32.79 7.09 2.16
C ALA B 18 -33.02 8.49 1.60
N GLY B 19 -32.10 8.94 0.77
CA GLY B 19 -32.22 10.23 0.09
C GLY B 19 -31.03 11.14 0.36
N SER B 20 -30.53 11.76 -0.70
CA SER B 20 -29.37 12.62 -0.57
C SER B 20 -29.64 13.71 0.46
N PRO B 21 -28.77 13.89 1.45
CA PRO B 21 -29.00 14.97 2.44
C PRO B 21 -28.55 16.33 1.98
N ILE B 22 -27.94 16.46 0.81
CA ILE B 22 -27.45 17.75 0.34
C ILE B 22 -28.63 18.53 -0.24
N ILE B 23 -28.90 19.69 0.34
CA ILE B 23 -30.01 20.53 -0.10
C ILE B 23 -29.54 21.40 -1.25
N VAL B 24 -30.26 21.36 -2.36
CA VAL B 24 -29.90 22.07 -3.58
C VAL B 24 -31.07 22.94 -4.02
N ASN B 25 -30.79 23.89 -4.92
CA ASN B 25 -31.87 24.68 -5.51
C ASN B 25 -31.82 24.58 -7.03
N ASP B 26 -32.65 25.35 -7.72
CA ASP B 26 -32.73 25.28 -9.18
C ASP B 26 -31.55 25.97 -9.87
N LYS B 27 -30.67 26.63 -9.13
CA LYS B 27 -29.48 27.28 -9.68
C LYS B 27 -28.30 26.34 -9.88
N LEU B 28 -28.32 25.16 -9.27
CA LEU B 28 -27.14 24.30 -9.25
C LEU B 28 -26.75 23.87 -10.66
N GLU B 29 -25.46 23.97 -10.97
CA GLU B 29 -24.89 23.44 -12.20
C GLU B 29 -23.60 22.69 -11.89
N ARG B 30 -23.28 21.72 -12.74
CA ARG B 30 -22.03 20.98 -12.56
C ARG B 30 -20.85 21.94 -12.69
N TYR B 31 -19.76 21.59 -12.02
CA TYR B 31 -18.67 22.50 -11.70
C TYR B 31 -17.45 22.11 -12.52
N ALA B 32 -16.84 23.08 -13.19
CA ALA B 32 -15.64 22.80 -13.99
C ALA B 32 -14.43 22.69 -13.07
N GLU B 33 -13.71 21.57 -13.18
CA GLU B 33 -12.59 21.28 -12.28
C GLU B 33 -11.56 22.40 -12.27
N VAL B 34 -11.31 23.05 -13.40
CA VAL B 34 -10.30 24.11 -13.46
C VAL B 34 -10.60 25.24 -12.49
N ARG B 35 -11.83 25.32 -11.98
CA ARG B 35 -12.18 26.38 -11.05
C ARG B 35 -11.59 26.19 -9.65
N THR B 36 -11.06 25.02 -9.31
CA THR B 36 -10.48 24.87 -7.98
C THR B 36 -9.30 25.82 -7.82
N ALA B 37 -9.00 26.16 -6.56
CA ALA B 37 -7.92 27.11 -6.32
C ALA B 37 -6.57 26.56 -6.78
N PHE B 38 -6.39 25.23 -6.73
CA PHE B 38 -5.16 24.60 -7.17
C PHE B 38 -4.84 24.90 -8.63
N THR B 39 -5.87 25.08 -9.46
CA THR B 39 -5.72 25.13 -10.91
C THR B 39 -6.14 26.46 -11.54
N HIS B 40 -7.00 27.23 -10.90
CA HIS B 40 -7.58 28.36 -11.61
C HIS B 40 -6.54 29.46 -11.83
N PRO B 41 -6.57 30.14 -12.97
CA PRO B 41 -5.58 31.19 -13.23
C PRO B 41 -5.57 32.32 -12.21
N THR B 42 -6.71 32.60 -11.57
CA THR B 42 -6.75 33.69 -10.61
C THR B 42 -6.03 33.35 -9.31
N SER B 43 -5.83 32.07 -9.01
CA SER B 43 -5.26 31.62 -7.75
C SER B 43 -3.95 30.86 -7.89
N PHE B 44 -3.55 30.50 -9.11
CA PHE B 44 -2.47 29.56 -9.32
C PHE B 44 -1.10 30.16 -8.97
N PHE B 45 -0.88 31.44 -9.27
CA PHE B 45 0.42 32.07 -9.08
C PHE B 45 0.45 32.81 -7.74
N LYS B 46 1.51 32.55 -6.96
CA LYS B 46 1.72 33.16 -5.65
C LYS B 46 3.19 33.52 -5.48
N PRO B 47 3.49 34.58 -4.74
CA PRO B 47 4.90 34.93 -4.51
C PRO B 47 5.55 33.99 -3.50
N ASN B 48 6.85 33.78 -3.70
CA ASN B 48 7.63 33.06 -2.69
C ASN B 48 8.11 34.06 -1.64
N TYR B 49 8.93 33.61 -0.69
CA TYR B 49 9.37 34.49 0.38
C TYR B 49 10.30 35.58 -0.10
N LYS B 50 10.90 35.42 -1.29
CA LYS B 50 11.76 36.43 -1.89
C LYS B 50 10.98 37.45 -2.71
N GLY B 51 9.68 37.28 -2.86
CA GLY B 51 8.88 38.16 -3.68
C GLY B 51 8.76 37.75 -5.13
N GLU B 52 9.20 36.56 -5.50
CA GLU B 52 9.15 36.09 -6.88
C GLU B 52 7.84 35.35 -7.10
N VAL B 53 7.10 35.74 -8.14
CA VAL B 53 5.82 35.10 -8.41
C VAL B 53 6.05 33.82 -9.20
N LYS B 54 5.49 32.71 -8.72
CA LYS B 54 5.67 31.40 -9.34
C LYS B 54 4.38 30.62 -9.18
N PRO B 55 4.22 29.52 -9.93
CA PRO B 55 3.21 28.52 -9.54
C PRO B 55 3.24 28.28 -8.05
N TRP B 56 2.07 28.23 -7.40
CA TRP B 56 2.02 28.24 -5.94
C TRP B 56 2.88 27.14 -5.34
N PHE B 57 2.91 25.96 -5.98
CA PHE B 57 3.65 24.86 -5.35
C PHE B 57 5.16 25.04 -5.48
N LEU B 58 5.62 25.77 -6.50
CA LEU B 58 7.03 26.09 -6.61
C LEU B 58 7.43 27.12 -5.57
N SER B 59 6.56 28.11 -5.31
CA SER B 59 6.80 29.02 -4.20
C SER B 59 6.83 28.26 -2.88
N ALA B 60 5.95 27.26 -2.72
CA ALA B 60 5.96 26.48 -1.50
C ALA B 60 7.26 25.67 -1.39
N TYR B 61 7.74 25.11 -2.50
CA TYR B 61 9.05 24.45 -2.51
C TYR B 61 10.14 25.35 -1.96
N ASP B 62 10.19 26.60 -2.45
CA ASP B 62 11.21 27.54 -1.98
C ASP B 62 11.17 27.71 -0.47
N GLU B 63 9.97 27.73 0.11
CA GLU B 63 9.88 27.86 1.56
C GLU B 63 10.38 26.59 2.27
N LYS B 64 10.09 25.42 1.70
CA LYS B 64 10.62 24.18 2.28
C LYS B 64 12.13 24.19 2.32
N VAL B 65 12.78 24.63 1.23
CA VAL B 65 14.24 24.71 1.19
C VAL B 65 14.74 25.71 2.23
N ARG B 66 14.12 26.88 2.28
CA ARG B 66 14.54 27.89 3.25
C ARG B 66 14.41 27.35 4.67
N GLN B 67 13.35 26.58 4.95
CA GLN B 67 13.15 26.03 6.29
C GLN B 67 14.20 24.99 6.63
N ILE B 68 14.51 24.09 5.71
CA ILE B 68 15.56 23.11 5.96
C ILE B 68 16.88 23.82 6.25
N GLU B 69 17.24 24.80 5.41
CA GLU B 69 18.48 25.54 5.61
C GLU B 69 18.51 26.25 6.96
N ASN B 70 17.35 26.69 7.44
CA ASN B 70 17.26 27.40 8.71
C ASN B 70 16.89 26.50 9.88
N GLY B 71 16.88 25.18 9.67
CA GLY B 71 16.55 24.25 10.75
C GLY B 71 15.16 24.45 11.32
N GLU B 72 14.16 24.56 10.45
CA GLU B 72 12.78 24.75 10.86
C GLU B 72 11.89 23.65 10.29
N ASN B 73 10.86 23.26 11.05
CA ASN B 73 9.87 22.28 10.61
C ASN B 73 8.63 22.91 10.03
N GLY B 74 8.53 24.23 10.07
CA GLY B 74 7.37 24.95 9.63
C GLY B 74 7.59 26.43 9.84
N PRO B 75 6.56 27.25 9.57
CA PRO B 75 6.74 28.70 9.69
C PRO B 75 6.98 29.09 11.14
N LYS B 76 8.14 29.67 11.41
CA LYS B 76 8.48 30.14 12.75
C LYS B 76 8.56 28.98 13.74
N MET B 77 8.82 27.77 13.24
CA MET B 77 8.87 26.59 14.10
C MET B 77 10.25 25.96 13.97
N LYS B 78 11.12 26.25 14.93
CA LYS B 78 12.45 25.68 14.93
C LYS B 78 12.37 24.17 15.10
N ALA B 79 13.15 23.45 14.31
CA ALA B 79 13.33 22.02 14.51
C ALA B 79 14.41 21.77 15.56
N LYS B 80 14.56 20.52 15.96
CA LYS B 80 15.64 20.19 16.89
C LYS B 80 17.00 20.51 16.28
N ASN B 81 17.13 20.37 14.97
CA ASN B 81 18.35 20.68 14.23
C ASN B 81 18.01 20.59 12.74
N VAL B 82 18.99 20.89 11.90
CA VAL B 82 18.77 20.84 10.45
C VAL B 82 18.44 19.41 10.01
N GLY B 83 19.06 18.41 10.63
CA GLY B 83 18.77 17.04 10.28
C GLY B 83 17.30 16.68 10.46
N GLU B 84 16.71 17.10 11.58
CA GLU B 84 15.29 16.85 11.77
C GLU B 84 14.45 17.56 10.72
N ALA B 85 14.78 18.83 10.43
CA ALA B 85 14.06 19.56 9.39
C ALA B 85 14.09 18.81 8.06
N ARG B 86 15.29 18.36 7.66
CA ARG B 86 15.46 17.60 6.42
C ARG B 86 14.61 16.33 6.41
N ALA B 87 14.55 15.62 7.55
CA ALA B 87 13.87 14.34 7.58
C ALA B 87 12.36 14.48 7.38
N GLY B 88 11.77 15.53 7.94
CA GLY B 88 10.35 15.73 7.78
C GLY B 88 9.97 15.99 6.32
N ARG B 89 10.80 16.76 5.61
CA ARG B 89 10.55 17.05 4.21
C ARG B 89 10.85 15.83 3.33
N ALA B 90 11.86 15.04 3.71
CA ALA B 90 12.14 13.81 2.97
C ALA B 90 10.98 12.82 3.10
N LEU B 91 10.41 12.72 4.30
CA LEU B 91 9.26 11.84 4.50
C LEU B 91 8.04 12.33 3.70
N GLU B 92 7.76 13.63 3.78
CA GLU B 92 6.70 14.24 2.98
C GLU B 92 6.88 13.95 1.49
N ALA B 93 8.06 14.27 0.95
CA ALA B 93 8.29 14.07 -0.48
C ALA B 93 8.10 12.61 -0.87
N ALA B 94 8.63 11.69 -0.04
CA ALA B 94 8.50 10.26 -0.34
C ALA B 94 7.06 9.78 -0.33
N GLY B 95 6.22 10.35 0.54
CA GLY B 95 4.85 9.85 0.66
C GLY B 95 4.08 9.93 -0.65
N TRP B 96 4.42 10.90 -1.50
CA TRP B 96 3.75 11.15 -2.77
C TRP B 96 4.16 10.20 -3.90
N THR B 97 4.92 9.15 -3.60
CA THR B 97 5.57 8.34 -4.63
C THR B 97 4.58 7.82 -5.68
N LEU B 98 3.39 7.39 -5.26
CA LEU B 98 2.39 6.81 -6.17
C LEU B 98 1.29 7.79 -6.55
N ASP B 99 1.65 9.07 -6.71
CA ASP B 99 0.67 10.11 -7.00
C ASP B 99 1.25 11.03 -8.06
N ILE B 100 0.44 11.36 -9.08
CA ILE B 100 0.90 12.19 -10.19
C ILE B 100 0.47 13.63 -9.95
N ASN B 101 1.45 14.54 -9.85
CA ASN B 101 1.22 15.99 -9.89
C ASN B 101 0.16 16.44 -8.88
N TYR B 102 0.21 15.84 -7.69
CA TYR B 102 -0.61 16.25 -6.56
C TYR B 102 -2.09 15.95 -6.79
N GLY B 103 -2.46 14.69 -6.72
CA GLY B 103 -3.86 14.28 -6.61
C GLY B 103 -4.35 13.35 -7.69
N ASN B 104 -3.52 12.99 -8.69
CA ASN B 104 -3.92 12.04 -9.73
C ASN B 104 -5.20 12.48 -10.45
N ILE B 105 -5.33 13.79 -10.70
CA ILE B 105 -6.62 14.26 -11.21
C ILE B 105 -6.84 13.98 -12.70
N TYR B 106 -5.78 13.83 -13.51
CA TYR B 106 -6.02 13.64 -14.95
C TYR B 106 -6.72 12.31 -15.17
N PRO B 107 -7.96 12.28 -15.67
CA PRO B 107 -8.64 10.98 -15.81
C PRO B 107 -8.06 10.19 -16.98
N ASN B 108 -7.98 8.88 -16.81
CA ASN B 108 -7.54 7.96 -17.88
C ASN B 108 -6.09 8.25 -18.30
N ARG B 109 -5.26 8.66 -17.33
CA ARG B 109 -3.83 8.84 -17.51
C ARG B 109 -3.08 8.20 -16.35
N PHE B 110 -1.86 7.73 -16.64
CA PHE B 110 -0.93 7.19 -15.65
C PHE B 110 -1.60 6.12 -14.79
N PHE B 111 -1.84 6.37 -13.49
CA PHE B 111 -2.46 5.35 -12.65
C PHE B 111 -3.97 5.28 -12.78
N MET B 112 -4.61 6.31 -13.35
CA MET B 112 -6.07 6.45 -13.35
C MET B 112 -6.71 5.93 -14.63
N LEU B 113 -6.29 4.77 -15.14
CA LEU B 113 -6.84 4.29 -16.40
C LEU B 113 -8.29 3.85 -16.24
N TRP B 114 -9.11 4.21 -17.22
CA TRP B 114 -10.53 3.88 -17.22
C TRP B 114 -10.81 2.49 -17.76
N SER B 115 -9.82 1.84 -18.38
CA SER B 115 -9.89 0.43 -18.72
C SER B 115 -8.66 -0.28 -18.16
N GLY B 116 -8.82 -1.55 -17.81
CA GLY B 116 -7.69 -2.31 -17.32
C GLY B 116 -6.85 -2.95 -18.41
N GLU B 117 -7.24 -2.80 -19.68
CA GLU B 117 -6.73 -3.66 -20.74
C GLU B 117 -5.21 -3.55 -20.92
N THR B 118 -4.64 -2.35 -20.80
CA THR B 118 -3.21 -2.19 -21.01
C THR B 118 -2.36 -2.40 -19.76
N MET B 119 -2.97 -2.61 -18.60
CA MET B 119 -2.17 -2.73 -17.37
C MET B 119 -1.34 -4.00 -17.38
N THR B 120 -0.14 -3.92 -16.78
CA THR B 120 0.73 -5.10 -16.73
C THR B 120 0.04 -6.27 -16.04
N ASN B 121 -0.71 -5.99 -14.97
CA ASN B 121 -1.40 -7.05 -14.24
C ASN B 121 -2.47 -7.73 -15.10
N THR B 122 -3.24 -6.95 -15.84
CA THR B 122 -4.24 -7.54 -16.74
C THR B 122 -3.59 -8.40 -17.80
N GLN B 123 -2.48 -7.93 -18.38
CA GLN B 123 -1.82 -8.69 -19.44
C GLN B 123 -1.30 -10.02 -18.90
N LEU B 124 -0.69 -10.00 -17.71
CA LEU B 124 -0.17 -11.23 -17.11
C LEU B 124 -1.30 -12.23 -16.83
N TRP B 125 -2.47 -11.73 -16.44
CA TRP B 125 -3.61 -12.57 -16.10
C TRP B 125 -4.50 -12.85 -17.30
N ALA B 126 -4.16 -12.36 -18.48
CA ALA B 126 -5.05 -12.50 -19.63
C ALA B 126 -5.49 -13.94 -19.91
N PRO B 127 -4.64 -14.97 -19.81
CA PRO B 127 -5.14 -16.33 -20.11
C PRO B 127 -6.29 -16.79 -19.23
N VAL B 128 -6.47 -16.22 -18.03
CA VAL B 128 -7.61 -16.64 -17.22
C VAL B 128 -8.91 -15.99 -17.74
N GLY B 129 -8.81 -14.83 -18.38
CA GLY B 129 -9.97 -14.22 -18.98
C GLY B 129 -10.99 -13.65 -18.01
N LEU B 130 -10.57 -13.25 -16.81
CA LEU B 130 -11.51 -12.76 -15.81
C LEU B 130 -12.15 -11.45 -16.26
N ASP B 131 -11.40 -10.60 -16.93
CA ASP B 131 -11.93 -9.33 -17.40
C ASP B 131 -12.79 -9.47 -18.65
N ARG B 132 -12.77 -10.62 -19.32
CA ARG B 132 -13.62 -10.84 -20.49
C ARG B 132 -14.82 -11.73 -20.19
N ARG B 133 -14.82 -12.44 -19.07
CA ARG B 133 -15.89 -13.36 -18.72
C ARG B 133 -17.08 -12.57 -18.18
N PRO B 134 -18.30 -12.85 -18.64
CA PRO B 134 -19.47 -12.15 -18.09
C PRO B 134 -19.57 -12.36 -16.59
N PRO B 135 -20.25 -11.47 -15.87
CA PRO B 135 -20.34 -11.63 -14.41
C PRO B 135 -21.03 -12.93 -14.04
N ASP B 136 -20.50 -13.61 -13.03
CA ASP B 136 -21.19 -14.76 -12.48
C ASP B 136 -22.14 -14.40 -11.35
N THR B 137 -22.07 -13.15 -10.86
CA THR B 137 -22.92 -12.67 -9.77
C THR B 137 -23.51 -11.34 -10.20
N THR B 138 -24.83 -11.24 -10.16
CA THR B 138 -25.53 -10.00 -10.46
C THR B 138 -26.37 -9.52 -9.28
N ASP B 139 -26.42 -10.30 -8.21
CA ASP B 139 -27.12 -9.99 -6.96
C ASP B 139 -26.46 -8.81 -6.24
N PRO B 140 -27.12 -7.65 -6.15
CA PRO B 140 -26.46 -6.50 -5.49
C PRO B 140 -26.09 -6.74 -4.05
N VAL B 141 -26.80 -7.63 -3.34
CA VAL B 141 -26.44 -7.92 -1.95
C VAL B 141 -25.10 -8.63 -1.88
N GLU B 142 -24.94 -9.71 -2.66
CA GLU B 142 -23.68 -10.44 -2.63
C GLU B 142 -22.54 -9.58 -3.15
N LEU B 143 -22.80 -8.78 -4.19
CA LEU B 143 -21.76 -7.94 -4.77
C LEU B 143 -21.31 -6.86 -3.79
N THR B 144 -22.26 -6.30 -3.02
CA THR B 144 -21.89 -5.30 -2.03
C THR B 144 -20.98 -5.91 -0.96
N ASN B 145 -21.26 -7.14 -0.55
CA ASN B 145 -20.40 -7.79 0.44
C ASN B 145 -19.02 -8.08 -0.13
N TYR B 146 -18.97 -8.61 -1.35
CA TYR B 146 -17.69 -8.91 -2.00
C TYR B 146 -16.86 -7.66 -2.20
N VAL B 147 -17.47 -6.60 -2.74
CA VAL B 147 -16.67 -5.43 -3.12
C VAL B 147 -16.23 -4.67 -1.87
N LYS B 148 -17.03 -4.70 -0.81
CA LYS B 148 -16.61 -4.04 0.44
C LYS B 148 -15.47 -4.82 1.11
N PHE B 149 -15.54 -6.14 1.10
CA PHE B 149 -14.42 -6.94 1.60
C PHE B 149 -13.15 -6.59 0.82
N ALA B 150 -13.25 -6.56 -0.51
CA ALA B 150 -12.10 -6.20 -1.33
C ALA B 150 -11.60 -4.79 -1.00
N ALA B 151 -12.52 -3.86 -0.77
CA ALA B 151 -12.14 -2.49 -0.43
C ALA B 151 -11.28 -2.44 0.83
N ARG B 152 -11.64 -3.26 1.84
CA ARG B 152 -10.85 -3.28 3.06
C ARG B 152 -9.47 -3.89 2.81
N MET B 153 -9.42 -4.96 2.02
CA MET B 153 -8.12 -5.51 1.61
C MET B 153 -7.29 -4.45 0.91
N ALA B 154 -7.94 -3.59 0.14
CA ALA B 154 -7.28 -2.58 -0.67
C ALA B 154 -6.89 -1.33 0.12
N GLY B 155 -7.09 -1.31 1.43
CA GLY B 155 -6.57 -0.24 2.26
C GLY B 155 -7.57 0.82 2.72
N ALA B 156 -8.85 0.65 2.43
CA ALA B 156 -9.85 1.57 2.95
C ALA B 156 -10.08 1.28 4.43
N ASP B 157 -10.12 2.35 5.23
CA ASP B 157 -10.57 2.23 6.62
C ASP B 157 -12.07 2.37 6.75
N LEU B 158 -12.70 3.09 5.83
CA LEU B 158 -14.14 3.18 5.72
C LEU B 158 -14.52 2.92 4.26
N VAL B 159 -15.71 2.37 4.04
CA VAL B 159 -16.20 2.20 2.67
C VAL B 159 -17.71 2.34 2.65
N GLY B 160 -18.22 3.07 1.65
CA GLY B 160 -19.65 3.20 1.47
C GLY B 160 -20.01 3.24 0.00
N VAL B 161 -21.31 3.02 -0.25
CA VAL B 161 -21.86 2.98 -1.61
C VAL B 161 -23.02 3.95 -1.70
N ALA B 162 -23.07 4.71 -2.79
CA ALA B 162 -24.21 5.55 -3.13
C ALA B 162 -24.51 5.44 -4.62
N ARG B 163 -25.77 5.70 -4.98
CA ARG B 163 -26.07 5.98 -6.38
C ARG B 163 -25.26 7.19 -6.81
N LEU B 164 -24.85 7.21 -8.07
CA LEU B 164 -24.03 8.30 -8.58
C LEU B 164 -24.90 9.51 -8.84
N ASN B 165 -24.65 10.60 -8.11
CA ASN B 165 -25.30 11.88 -8.33
C ASN B 165 -24.42 12.68 -9.28
N ARG B 166 -24.89 12.88 -10.52
CA ARG B 166 -24.08 13.55 -11.52
C ARG B 166 -23.83 15.01 -11.20
N ASN B 167 -24.56 15.59 -10.23
CA ASN B 167 -24.34 16.98 -9.85
C ASN B 167 -22.92 17.21 -9.33
N TRP B 168 -22.30 16.17 -8.76
CA TRP B 168 -20.96 16.31 -8.20
C TRP B 168 -19.86 15.85 -9.14
N VAL B 169 -20.21 15.35 -10.32
CA VAL B 169 -19.22 15.03 -11.34
C VAL B 169 -18.82 16.31 -12.05
N TYR B 170 -17.52 16.55 -12.17
CA TYR B 170 -17.05 17.77 -12.82
C TYR B 170 -17.62 17.88 -14.22
N SER B 171 -18.02 19.09 -14.61
CA SER B 171 -18.52 19.28 -15.96
C SER B 171 -17.41 19.07 -16.98
N GLU B 172 -16.20 19.50 -16.63
CA GLU B 172 -15.01 19.33 -17.44
C GLU B 172 -13.85 19.00 -16.50
N ALA B 173 -13.02 18.03 -16.90
CA ALA B 173 -11.86 17.63 -16.13
C ALA B 173 -10.63 18.42 -16.56
N VAL B 174 -9.66 18.53 -15.65
CA VAL B 174 -8.30 18.95 -16.01
C VAL B 174 -7.50 17.70 -16.36
N THR B 175 -6.90 17.70 -17.55
CA THR B 175 -6.17 16.52 -17.99
C THR B 175 -5.02 16.99 -18.89
N ILE B 176 -4.38 16.06 -19.57
CA ILE B 176 -3.34 16.37 -20.55
C ILE B 176 -3.62 15.54 -21.81
N PRO B 177 -3.10 15.96 -22.96
CA PRO B 177 -3.23 15.12 -24.16
C PRO B 177 -2.59 13.76 -23.91
N ALA B 178 -3.14 12.74 -24.58
CA ALA B 178 -2.79 11.36 -24.27
C ALA B 178 -1.32 11.04 -24.57
N ASP B 179 -0.74 11.68 -25.58
CA ASP B 179 0.63 11.37 -25.98
C ASP B 179 1.66 12.31 -25.35
N VAL B 180 1.25 13.21 -24.47
CA VAL B 180 2.21 14.12 -23.84
C VAL B 180 3.00 13.34 -22.79
N PRO B 181 4.33 13.37 -22.84
CA PRO B 181 5.13 12.68 -21.82
C PRO B 181 5.02 13.37 -20.48
N TYR B 182 5.30 12.60 -19.41
CA TYR B 182 5.18 13.17 -18.07
C TYR B 182 5.95 14.48 -17.93
N GLU B 183 7.16 14.56 -18.50
CA GLU B 183 8.01 15.71 -18.26
C GLU B 183 7.37 17.03 -18.71
N GLN B 184 6.40 16.98 -19.63
CA GLN B 184 5.73 18.18 -20.09
C GLN B 184 4.32 18.32 -19.54
N SER B 185 3.89 17.43 -18.63
CA SER B 185 2.49 17.38 -18.24
C SER B 185 2.04 18.68 -17.58
N LEU B 186 2.84 19.19 -16.63
CA LEU B 186 2.44 20.40 -15.89
C LEU B 186 2.26 21.59 -16.82
N HIS B 187 2.95 21.61 -17.95
CA HIS B 187 2.89 22.73 -18.86
C HIS B 187 1.84 22.56 -19.96
N LYS B 188 1.17 21.41 -20.02
CA LYS B 188 0.24 21.13 -21.10
C LYS B 188 -1.09 20.62 -20.59
N GLU B 189 -1.54 21.15 -19.44
CA GLU B 189 -2.85 20.78 -18.94
C GLU B 189 -3.95 21.48 -19.73
N ILE B 190 -5.04 20.75 -19.96
CA ILE B 190 -6.16 21.21 -20.77
C ILE B 190 -7.44 20.89 -20.02
N GLU B 191 -8.55 21.44 -20.51
N GLU B 191 -8.56 21.34 -20.57
CA GLU B 191 -9.88 21.10 -20.03
CA GLU B 191 -9.88 21.12 -20.00
C GLU B 191 -10.52 20.09 -20.96
C GLU B 191 -10.68 20.24 -20.95
N LYS B 192 -11.35 19.23 -20.40
CA LYS B 192 -12.03 18.22 -21.21
C LYS B 192 -13.38 17.81 -20.62
N PRO B 193 -14.46 17.91 -21.40
CA PRO B 193 -15.79 17.62 -20.86
C PRO B 193 -15.93 16.15 -20.44
N ILE B 194 -16.64 15.97 -19.33
CA ILE B 194 -17.09 14.65 -18.90
C ILE B 194 -18.58 14.56 -19.22
N VAL B 195 -18.96 13.59 -20.05
CA VAL B 195 -20.33 13.45 -20.50
C VAL B 195 -20.81 12.02 -20.28
N PHE B 196 -22.13 11.86 -20.25
CA PHE B 196 -22.76 10.56 -20.09
C PHE B 196 -23.51 10.21 -21.36
N LYS B 197 -23.26 9.03 -21.90
CA LYS B 197 -23.86 8.61 -23.15
C LYS B 197 -24.21 7.13 -23.09
N ASP B 198 -25.07 6.72 -24.03
CA ASP B 198 -25.44 5.32 -24.19
C ASP B 198 -24.32 4.60 -24.93
N VAL B 199 -23.32 4.18 -24.17
CA VAL B 199 -22.20 3.41 -24.70
C VAL B 199 -21.97 2.24 -23.74
N PRO B 200 -21.33 1.16 -24.22
CA PRO B 200 -21.14 0.01 -23.32
C PRO B 200 -20.08 0.19 -22.27
N LEU B 201 -18.96 0.86 -22.59
CA LEU B 201 -17.82 0.93 -21.71
C LEU B 201 -17.32 2.37 -21.59
N PRO B 202 -16.71 2.72 -20.45
CA PRO B 202 -16.04 4.01 -20.34
C PRO B 202 -15.04 4.16 -21.48
N ILE B 203 -15.07 5.31 -22.14
CA ILE B 203 -14.27 5.52 -23.32
C ILE B 203 -13.88 6.99 -23.38
N GLU B 204 -12.68 7.26 -23.90
CA GLU B 204 -12.22 8.63 -24.12
C GLU B 204 -11.98 8.85 -25.60
N THR B 205 -12.56 9.92 -26.12
CA THR B 205 -12.32 10.36 -27.49
C THR B 205 -11.42 11.58 -27.46
N ASP B 206 -11.05 12.07 -28.64
CA ASP B 206 -10.30 13.31 -28.71
C ASP B 206 -11.01 14.44 -27.98
N ASP B 207 -12.34 14.41 -27.99
CA ASP B 207 -13.14 15.53 -27.53
C ASP B 207 -13.75 15.34 -26.15
N GLU B 208 -13.95 14.10 -25.70
CA GLU B 208 -14.78 13.88 -24.52
C GLU B 208 -14.28 12.70 -23.69
N LEU B 209 -14.47 12.83 -22.39
CA LEU B 209 -14.45 11.69 -21.48
C LEU B 209 -15.88 11.19 -21.32
N ILE B 210 -16.16 9.97 -21.77
CA ILE B 210 -17.53 9.45 -21.86
C ILE B 210 -17.73 8.40 -20.78
N ILE B 211 -18.62 8.68 -19.84
CA ILE B 211 -19.04 7.73 -18.83
C ILE B 211 -20.34 7.08 -19.29
N PRO B 212 -20.46 5.77 -19.25
CA PRO B 212 -21.71 5.13 -19.70
C PRO B 212 -22.89 5.52 -18.83
N ASN B 213 -24.07 5.61 -19.46
CA ASN B 213 -25.30 5.83 -18.70
C ASN B 213 -25.57 4.70 -17.72
N THR B 214 -25.01 3.52 -17.94
CA THR B 214 -25.17 2.42 -17.01
C THR B 214 -24.34 2.58 -15.74
N CYS B 215 -23.51 3.63 -15.63
CA CYS B 215 -22.62 3.79 -14.48
C CYS B 215 -23.43 4.28 -13.29
N GLU B 216 -24.05 3.32 -12.59
CA GLU B 216 -25.10 3.63 -11.63
C GLU B 216 -24.56 4.07 -10.27
N ASN B 217 -23.39 3.59 -9.88
CA ASN B 217 -22.97 3.61 -8.49
C ASN B 217 -21.59 4.23 -8.33
N VAL B 218 -21.35 4.73 -7.12
CA VAL B 218 -20.03 5.18 -6.72
C VAL B 218 -19.70 4.51 -5.39
N ILE B 219 -18.48 3.99 -5.30
CA ILE B 219 -17.94 3.40 -4.07
C ILE B 219 -16.95 4.41 -3.50
N VAL B 220 -17.18 4.84 -2.26
CA VAL B 220 -16.35 5.87 -1.62
C VAL B 220 -15.54 5.23 -0.51
N ALA B 221 -14.23 5.49 -0.49
CA ALA B 221 -13.33 4.98 0.54
C ALA B 221 -12.80 6.11 1.40
N GLY B 222 -12.78 5.88 2.71
CA GLY B 222 -12.05 6.73 3.64
C GLY B 222 -10.72 6.10 4.00
N ILE B 223 -9.68 6.91 3.97
CA ILE B 223 -8.30 6.46 4.17
C ILE B 223 -7.75 7.30 5.31
N ALA B 224 -7.59 6.67 6.48
CA ALA B 224 -7.36 7.43 7.71
C ALA B 224 -5.93 7.97 7.77
N MET B 225 -5.82 9.23 8.21
CA MET B 225 -4.54 9.87 8.41
C MET B 225 -4.10 9.66 9.86
N ASN B 226 -2.84 9.98 10.16
CA ASN B 226 -2.30 9.75 11.50
C ASN B 226 -2.55 10.96 12.39
N ARG B 227 -3.11 10.70 13.58
CA ARG B 227 -3.53 11.80 14.47
C ARG B 227 -2.33 12.60 14.98
N GLU B 228 -1.30 11.91 15.48
CA GLU B 228 -0.13 12.61 16.02
C GLU B 228 0.50 13.51 14.96
N MET B 229 0.64 13.00 13.73
CA MET B 229 1.26 13.78 12.67
C MET B 229 0.37 14.95 12.23
N MET B 230 -0.93 14.72 12.05
CA MET B 230 -1.79 15.84 11.67
C MET B 230 -1.80 16.92 12.75
N GLN B 231 -1.62 16.54 14.01
CA GLN B 231 -1.61 17.58 15.03
C GLN B 231 -0.38 18.46 15.01
N THR B 232 0.59 18.21 14.15
CA THR B 232 1.70 19.13 13.96
C THR B 232 1.39 20.21 12.92
N ALA B 233 0.18 20.21 12.36
CA ALA B 233 -0.20 21.21 11.37
C ALA B 233 0.05 22.61 11.92
N PRO B 234 0.56 23.54 11.11
CA PRO B 234 0.83 23.44 9.66
C PRO B 234 2.23 22.97 9.30
N ASN B 235 2.90 22.24 10.20
CA ASN B 235 4.30 21.89 10.02
C ASN B 235 4.44 20.60 9.21
N SER B 236 5.69 20.15 9.03
CA SER B 236 6.00 19.19 7.97
C SER B 236 5.41 17.80 8.21
N MET B 237 5.23 17.38 9.46
CA MET B 237 4.75 16.01 9.65
C MET B 237 3.28 15.87 9.27
N ALA B 238 2.51 16.96 9.36
CA ALA B 238 1.15 16.93 8.81
C ALA B 238 1.20 16.77 7.30
N CYS B 239 2.18 17.39 6.64
CA CYS B 239 2.35 17.19 5.20
C CYS B 239 2.64 15.73 4.88
N ALA B 240 3.43 15.07 5.75
CA ALA B 240 3.84 13.70 5.47
C ALA B 240 2.67 12.72 5.56
N THR B 241 1.79 12.86 6.55
CA THR B 241 0.67 11.92 6.62
C THR B 241 -0.30 12.17 5.49
N THR B 242 -0.50 13.44 5.12
CA THR B 242 -1.27 13.77 3.92
C THR B 242 -0.71 13.03 2.70
N ALA B 243 0.60 13.14 2.49
CA ALA B 243 1.21 12.62 1.26
C ALA B 243 1.11 11.10 1.20
N PHE B 244 1.45 10.40 2.29
CA PHE B 244 1.38 8.95 2.26
C PHE B 244 -0.04 8.48 1.95
N CYS B 245 -1.04 9.17 2.48
CA CYS B 245 -2.40 8.74 2.23
C CYS B 245 -2.81 8.97 0.77
N TYR B 246 -2.19 9.92 0.07
CA TYR B 246 -2.48 10.04 -1.36
C TYR B 246 -2.00 8.82 -2.12
N SER B 247 -0.83 8.27 -1.75
CA SER B 247 -0.39 7.06 -2.43
C SER B 247 -1.24 5.86 -2.01
N ARG B 248 -1.72 5.84 -0.76
CA ARG B 248 -2.69 4.80 -0.37
C ARG B 248 -3.97 4.90 -1.18
N MET B 249 -4.43 6.12 -1.43
CA MET B 249 -5.62 6.32 -2.28
C MET B 249 -5.41 5.72 -3.66
N CYS B 250 -4.25 5.96 -4.25
CA CYS B 250 -3.99 5.47 -5.60
C CYS B 250 -3.96 3.95 -5.63
N MET B 251 -3.29 3.32 -4.66
CA MET B 251 -3.29 1.87 -4.65
C MET B 251 -4.70 1.33 -4.44
N PHE B 252 -5.49 2.00 -3.62
CA PHE B 252 -6.87 1.56 -3.41
C PHE B 252 -7.65 1.57 -4.73
N ASP B 253 -7.60 2.69 -5.45
CA ASP B 253 -8.35 2.80 -6.71
C ASP B 253 -7.96 1.70 -7.68
N MET B 254 -6.66 1.45 -7.83
CA MET B 254 -6.21 0.46 -8.82
C MET B 254 -6.60 -0.96 -8.41
N TRP B 255 -6.32 -1.31 -7.15
CA TRP B 255 -6.73 -2.61 -6.61
C TRP B 255 -8.23 -2.86 -6.80
N LEU B 256 -9.06 -1.90 -6.38
CA LEU B 256 -10.50 -2.11 -6.42
C LEU B 256 -11.03 -2.14 -7.84
N CYS B 257 -10.55 -1.22 -8.70
CA CYS B 257 -10.94 -1.25 -10.11
C CYS B 257 -10.61 -2.60 -10.72
N GLN B 258 -9.42 -3.12 -10.46
CA GLN B 258 -9.08 -4.42 -11.02
C GLN B 258 -10.01 -5.50 -10.49
N PHE B 259 -10.33 -5.47 -9.19
CA PHE B 259 -11.27 -6.46 -8.67
C PHE B 259 -12.62 -6.38 -9.38
N ILE B 260 -13.15 -5.16 -9.52
CA ILE B 260 -14.45 -4.98 -10.16
C ILE B 260 -14.41 -5.45 -11.61
N ARG B 261 -13.32 -5.16 -12.32
CA ARG B 261 -13.18 -5.61 -13.70
C ARG B 261 -13.08 -7.13 -13.78
N TYR B 262 -12.34 -7.74 -12.86
CA TYR B 262 -12.21 -9.19 -12.86
C TYR B 262 -13.48 -9.90 -12.43
N MET B 263 -14.45 -9.17 -11.87
CA MET B 263 -15.78 -9.67 -11.56
C MET B 263 -16.75 -9.53 -12.73
N GLY B 264 -16.34 -8.92 -13.84
CA GLY B 264 -17.16 -8.80 -15.01
C GLY B 264 -17.76 -7.43 -15.27
N TYR B 265 -17.40 -6.42 -14.48
CA TYR B 265 -17.97 -5.08 -14.62
C TYR B 265 -16.87 -4.10 -14.99
N TYR B 266 -17.24 -2.85 -15.25
CA TYR B 266 -16.22 -1.82 -15.47
C TYR B 266 -16.11 -0.94 -14.24
N ALA B 267 -15.03 -0.15 -14.21
CA ALA B 267 -14.68 0.60 -13.02
C ALA B 267 -13.83 1.79 -13.44
N ILE B 268 -14.18 2.96 -12.93
CA ILE B 268 -13.46 4.20 -13.21
C ILE B 268 -12.79 4.65 -11.92
N PRO B 269 -11.46 4.72 -11.85
CA PRO B 269 -10.79 5.26 -10.66
C PRO B 269 -10.84 6.78 -10.69
N SER B 270 -10.40 7.43 -9.60
CA SER B 270 -10.44 8.89 -9.66
C SER B 270 -9.50 9.65 -8.73
N CYS B 271 -9.27 9.16 -7.51
CA CYS B 271 -8.52 9.92 -6.50
C CYS B 271 -9.09 11.35 -6.40
N ASN B 272 -8.29 12.39 -6.62
CA ASN B 272 -8.86 13.74 -6.48
C ASN B 272 -9.58 14.23 -7.74
N GLY B 273 -9.61 13.44 -8.82
CA GLY B 273 -10.26 13.86 -10.05
C GLY B 273 -11.72 13.45 -10.15
N VAL B 274 -12.30 13.75 -11.33
CA VAL B 274 -13.60 13.29 -11.83
C VAL B 274 -14.78 13.99 -11.14
N GLY B 275 -14.78 14.01 -9.81
CA GLY B 275 -15.86 14.69 -9.10
C GLY B 275 -15.49 15.03 -7.67
N GLN B 276 -16.48 15.59 -6.96
CA GLN B 276 -16.28 16.17 -5.63
C GLN B 276 -16.46 15.10 -4.56
N SER B 277 -15.33 14.70 -3.96
CA SER B 277 -15.31 13.58 -3.02
C SER B 277 -16.19 13.81 -1.81
N VAL B 278 -16.19 15.04 -1.28
CA VAL B 278 -16.95 15.28 -0.05
C VAL B 278 -18.42 14.98 -0.25
N ALA B 279 -18.99 15.41 -1.39
CA ALA B 279 -20.40 15.17 -1.64
C ALA B 279 -20.69 13.67 -1.78
N PHE B 280 -19.86 12.96 -2.55
CA PHE B 280 -20.03 11.51 -2.66
C PHE B 280 -19.97 10.85 -1.29
N ALA B 281 -19.01 11.25 -0.46
CA ALA B 281 -18.84 10.62 0.85
C ALA B 281 -20.05 10.85 1.74
N VAL B 282 -20.65 12.03 1.66
CA VAL B 282 -21.86 12.29 2.45
C VAL B 282 -23.02 11.46 1.93
N GLU B 283 -23.18 11.36 0.61
CA GLU B 283 -24.27 10.58 0.06
C GLU B 283 -24.09 9.09 0.31
N ALA B 284 -22.85 8.63 0.45
CA ALA B 284 -22.56 7.23 0.76
C ALA B 284 -22.55 6.94 2.25
N GLY B 285 -22.82 7.93 3.11
CA GLY B 285 -22.95 7.66 4.51
C GLY B 285 -21.66 7.58 5.31
N LEU B 286 -20.52 8.01 4.75
CA LEU B 286 -19.28 8.00 5.54
C LEU B 286 -19.31 9.04 6.65
N GLY B 287 -19.96 10.18 6.41
CA GLY B 287 -19.96 11.24 7.40
C GLY B 287 -20.86 12.36 6.94
N GLN B 288 -20.73 13.51 7.62
CA GLN B 288 -21.50 14.69 7.33
C GLN B 288 -20.61 15.85 6.90
N ALA B 289 -21.14 16.71 6.03
CA ALA B 289 -20.46 17.95 5.69
C ALA B 289 -20.30 18.82 6.93
N SER B 290 -19.32 19.72 6.89
CA SER B 290 -18.90 20.46 8.07
C SER B 290 -18.64 21.92 7.72
N ARG B 291 -18.41 22.72 8.75
CA ARG B 291 -18.10 24.13 8.54
C ARG B 291 -16.83 24.30 7.70
N MET B 292 -15.77 23.58 8.08
CA MET B 292 -14.52 23.71 7.31
C MET B 292 -14.70 23.26 5.86
N GLY B 293 -15.72 22.43 5.59
CA GLY B 293 -15.98 21.95 4.26
C GLY B 293 -15.68 20.48 4.06
N ALA B 294 -15.04 19.84 5.02
CA ALA B 294 -14.71 18.42 4.89
C ALA B 294 -15.88 17.53 5.28
N CYS B 295 -15.76 16.26 4.92
CA CYS B 295 -16.66 15.22 5.45
C CYS B 295 -16.13 14.74 6.80
N ILE B 296 -16.92 14.94 7.85
CA ILE B 296 -16.56 14.54 9.20
C ILE B 296 -17.17 13.18 9.47
N THR B 297 -16.34 12.23 9.80
CA THR B 297 -16.74 10.86 10.06
C THR B 297 -16.76 10.59 11.57
N PRO B 298 -17.57 9.63 12.01
CA PRO B 298 -17.56 9.32 13.46
C PRO B 298 -16.25 8.72 13.92
N GLU B 299 -15.59 7.93 13.08
CA GLU B 299 -14.36 7.25 13.51
C GLU B 299 -13.16 8.19 13.55
N PHE B 300 -13.05 9.11 12.60
CA PHE B 300 -11.84 9.90 12.46
C PHE B 300 -12.07 11.40 12.43
N GLY B 301 -13.31 11.85 12.62
CA GLY B 301 -13.66 13.21 12.31
C GLY B 301 -13.29 13.52 10.88
N PRO B 302 -12.75 14.71 10.63
CA PRO B 302 -12.28 15.05 9.28
C PRO B 302 -10.88 14.56 8.94
N ASN B 303 -10.19 13.88 9.87
CA ASN B 303 -8.79 13.52 9.68
C ASN B 303 -8.70 12.22 8.87
N VAL B 304 -9.24 12.26 7.66
CA VAL B 304 -9.37 11.07 6.83
C VAL B 304 -9.45 11.52 5.38
N ARG B 305 -8.70 10.87 4.49
CA ARG B 305 -8.76 11.22 3.08
C ARG B 305 -9.84 10.40 2.38
N LEU B 306 -10.26 10.88 1.21
CA LEU B 306 -11.33 10.27 0.46
C LEU B 306 -10.86 9.91 -0.94
N THR B 307 -11.29 8.76 -1.45
CA THR B 307 -11.19 8.49 -2.87
C THR B 307 -12.45 7.73 -3.28
N LYS B 308 -12.61 7.50 -4.58
CA LYS B 308 -13.86 6.90 -5.01
C LYS B 308 -13.69 6.27 -6.38
N VAL B 309 -14.53 5.26 -6.63
CA VAL B 309 -14.53 4.46 -7.85
C VAL B 309 -15.97 4.38 -8.35
N PHE B 310 -16.16 4.55 -9.66
CA PHE B 310 -17.49 4.56 -10.28
C PHE B 310 -17.67 3.26 -11.07
N THR B 311 -18.87 2.68 -10.99
CA THR B 311 -19.03 1.36 -11.60
C THR B 311 -20.51 1.09 -11.92
N ASN B 312 -20.72 0.23 -12.92
CA ASN B 312 -22.04 -0.33 -13.20
C ASN B 312 -22.34 -1.59 -12.39
N MET B 313 -21.40 -2.07 -11.57
CA MET B 313 -21.67 -3.22 -10.75
C MET B 313 -22.92 -2.97 -9.87
N PRO B 314 -23.92 -3.86 -9.91
CA PRO B 314 -25.07 -3.70 -9.01
C PRO B 314 -24.66 -3.74 -7.55
N LEU B 315 -25.21 -2.82 -6.76
CA LEU B 315 -24.82 -2.66 -5.37
C LEU B 315 -26.02 -2.14 -4.57
N VAL B 316 -25.96 -2.33 -3.26
CA VAL B 316 -26.96 -1.79 -2.35
C VAL B 316 -26.42 -0.47 -1.79
N PRO B 317 -27.05 0.66 -2.07
CA PRO B 317 -26.57 1.93 -1.50
C PRO B 317 -26.66 1.93 0.02
N ASP B 318 -25.69 2.57 0.66
CA ASP B 318 -25.76 2.73 2.10
C ASP B 318 -26.68 3.90 2.44
N LYS B 319 -27.05 3.99 3.72
CA LYS B 319 -27.87 5.12 4.15
C LYS B 319 -26.99 6.28 4.57
N PRO B 320 -27.39 7.52 4.26
CA PRO B 320 -26.71 8.67 4.85
C PRO B 320 -26.82 8.64 6.37
N ILE B 321 -25.94 9.40 7.02
CA ILE B 321 -25.81 9.34 8.46
C ILE B 321 -25.96 10.75 9.02
N ASP B 322 -26.60 10.85 10.17
CA ASP B 322 -26.79 12.14 10.85
C ASP B 322 -26.46 11.89 12.32
N PHE B 323 -25.27 12.29 12.74
CA PHE B 323 -24.91 12.20 14.15
C PHE B 323 -24.69 13.59 14.75
N GLY B 324 -25.37 14.59 14.20
CA GLY B 324 -25.39 15.93 14.78
C GLY B 324 -24.28 16.88 14.37
N VAL B 325 -23.56 16.61 13.29
CA VAL B 325 -22.44 17.48 12.93
C VAL B 325 -22.92 18.88 12.61
N THR B 326 -24.02 19.02 11.86
CA THR B 326 -24.48 20.34 11.45
C THR B 326 -24.76 21.23 12.66
N GLU B 327 -25.43 20.69 13.67
CA GLU B 327 -25.79 21.46 14.84
C GLU B 327 -24.55 21.79 15.67
N PHE B 328 -23.59 20.88 15.71
CA PHE B 328 -22.35 21.15 16.43
C PHE B 328 -21.53 22.22 15.73
N CYS B 329 -21.41 22.14 14.40
CA CYS B 329 -20.69 23.16 13.65
C CYS B 329 -21.37 24.50 13.74
N GLU B 330 -22.70 24.50 13.95
CA GLU B 330 -23.44 25.75 14.05
C GLU B 330 -22.89 26.64 15.16
N THR B 331 -22.52 26.04 16.30
CA THR B 331 -22.09 26.81 17.46
C THR B 331 -20.59 26.72 17.75
N CYS B 332 -19.84 25.89 17.03
CA CYS B 332 -18.45 25.62 17.40
C CYS B 332 -17.48 26.71 16.91
N LYS B 333 -17.30 26.78 15.58
CA LYS B 333 -16.47 27.80 14.91
C LYS B 333 -14.98 27.75 15.29
N LYS B 334 -14.50 26.66 15.90
CA LYS B 334 -13.09 26.61 16.29
C LYS B 334 -12.17 26.60 15.07
N CYS B 335 -12.53 25.87 14.02
CA CYS B 335 -11.72 25.91 12.80
C CYS B 335 -11.64 27.32 12.23
N ALA B 336 -12.77 28.03 12.21
CA ALA B 336 -12.79 29.39 11.68
C ALA B 336 -11.91 30.33 12.49
N ARG B 337 -11.86 30.14 13.81
CA ARG B 337 -11.05 31.05 14.63
C ARG B 337 -9.56 30.72 14.57
N GLU B 338 -9.20 29.46 14.29
CA GLU B 338 -7.80 29.07 14.26
C GLU B 338 -7.18 29.16 12.88
N CYS B 339 -8.00 29.25 11.83
CA CYS B 339 -7.48 29.22 10.47
C CYS B 339 -6.51 30.38 10.24
N PRO B 340 -5.25 30.10 9.84
CA PRO B 340 -4.27 31.19 9.73
C PRO B 340 -4.54 32.17 8.60
N SER B 341 -5.45 31.85 7.68
CA SER B 341 -5.76 32.72 6.57
C SER B 341 -7.18 33.26 6.64
N LYS B 342 -7.92 32.96 7.70
CA LYS B 342 -9.30 33.41 7.85
C LYS B 342 -10.14 33.01 6.63
N ALA B 343 -9.88 31.80 6.12
CA ALA B 343 -10.60 31.32 4.94
C ALA B 343 -11.99 30.77 5.28
N ILE B 344 -12.21 30.32 6.52
CA ILE B 344 -13.43 29.62 6.90
C ILE B 344 -14.40 30.62 7.51
N THR B 345 -15.65 30.60 7.03
CA THR B 345 -16.65 31.55 7.49
C THR B 345 -17.13 31.23 8.89
N GLU B 346 -17.43 32.28 9.66
CA GLU B 346 -18.15 32.13 10.91
C GLU B 346 -19.64 32.30 10.73
N GLY B 347 -20.09 32.55 9.50
CA GLY B 347 -21.48 32.83 9.22
C GLY B 347 -22.30 31.58 8.95
N PRO B 348 -23.55 31.76 8.60
CA PRO B 348 -24.45 30.62 8.35
C PRO B 348 -24.26 30.06 6.94
N ARG B 349 -24.92 28.93 6.69
CA ARG B 349 -24.87 28.30 5.38
C ARG B 349 -25.76 29.02 4.38
N THR B 350 -25.32 29.06 3.12
CA THR B 350 -26.07 29.69 2.05
C THR B 350 -25.95 28.84 0.79
N PHE B 351 -26.70 29.22 -0.25
CA PHE B 351 -26.60 28.59 -1.55
C PHE B 351 -25.71 29.35 -2.53
N GLU B 352 -25.08 30.44 -2.11
CA GLU B 352 -24.29 31.25 -3.03
C GLU B 352 -22.83 31.17 -2.65
N GLY B 353 -21.98 30.81 -3.61
CA GLY B 353 -20.56 30.68 -3.34
C GLY B 353 -19.91 32.02 -3.06
N ARG B 354 -18.83 31.98 -2.30
CA ARG B 354 -18.09 33.21 -2.04
C ARG B 354 -17.25 33.64 -3.23
N SER B 355 -16.83 32.71 -4.08
CA SER B 355 -15.99 33.04 -5.23
C SER B 355 -16.14 31.93 -6.27
N ILE B 356 -15.34 32.04 -7.34
CA ILE B 356 -15.34 31.09 -8.44
C ILE B 356 -15.02 29.67 -7.97
N HIS B 357 -14.30 29.53 -6.85
CA HIS B 357 -13.88 28.20 -6.39
C HIS B 357 -15.01 27.40 -5.75
N ASN B 358 -16.12 28.04 -5.37
CA ASN B 358 -17.27 27.35 -4.80
C ASN B 358 -18.29 26.99 -5.87
N GLN B 359 -18.97 25.86 -5.69
CA GLN B 359 -20.11 25.50 -6.52
C GLN B 359 -21.38 26.09 -5.89
N SER B 360 -21.95 27.10 -6.54
CA SER B 360 -23.21 27.66 -6.04
C SER B 360 -24.36 26.68 -6.30
N GLY B 361 -25.42 26.84 -5.50
CA GLY B 361 -26.62 26.05 -5.67
C GLY B 361 -26.80 24.94 -4.67
N LYS B 362 -25.91 24.77 -3.71
CA LYS B 362 -26.06 23.74 -2.69
C LYS B 362 -25.82 24.36 -1.32
N LEU B 363 -26.63 23.94 -0.35
CA LEU B 363 -26.57 24.54 0.99
C LEU B 363 -25.33 24.03 1.72
N GLN B 364 -24.41 24.94 2.00
CA GLN B 364 -23.14 24.60 2.64
C GLN B 364 -22.56 25.85 3.28
N TRP B 365 -21.59 25.65 4.17
CA TRP B 365 -20.78 26.77 4.60
C TRP B 365 -19.83 27.15 3.46
N GLN B 366 -19.85 28.42 3.09
CA GLN B 366 -19.10 28.92 1.94
C GLN B 366 -17.77 29.48 2.42
N ASN B 367 -16.67 28.87 1.99
CA ASN B 367 -15.35 29.28 2.42
C ASN B 367 -14.56 29.88 1.26
N ASP B 368 -13.57 30.72 1.58
CA ASP B 368 -12.73 31.37 0.58
C ASP B 368 -11.48 30.52 0.39
N TYR B 369 -11.49 29.68 -0.63
CA TYR B 369 -10.42 28.71 -0.80
C TYR B 369 -9.18 29.30 -1.45
N ASN B 370 -9.27 30.53 -1.98
CA ASN B 370 -8.04 31.21 -2.40
C ASN B 370 -7.24 31.71 -1.20
N LYS B 371 -7.93 32.15 -0.14
CA LYS B 371 -7.25 32.50 1.09
C LYS B 371 -6.55 31.29 1.70
N CYS B 372 -7.23 30.15 1.73
CA CYS B 372 -6.59 28.92 2.20
C CYS B 372 -5.30 28.65 1.41
N LEU B 373 -5.40 28.55 0.08
CA LEU B 373 -4.23 28.21 -0.71
C LEU B 373 -3.09 29.21 -0.49
N GLY B 374 -3.41 30.49 -0.32
CA GLY B 374 -2.37 31.50 -0.14
C GLY B 374 -1.49 31.24 1.06
N TYR B 375 -2.02 30.56 2.08
CA TYR B 375 -1.20 30.25 3.25
C TYR B 375 -0.20 29.13 2.98
N TRP B 376 -0.37 28.37 1.89
CA TRP B 376 0.49 27.19 1.71
C TRP B 376 1.90 27.57 1.28
N PRO B 377 2.11 28.46 0.31
CA PRO B 377 3.50 28.89 0.05
C PRO B 377 4.11 29.62 1.23
N GLU B 378 3.31 30.37 1.99
N GLU B 378 3.31 30.39 1.97
CA GLU B 378 3.85 31.08 3.15
CA GLU B 378 3.82 31.08 3.15
C GLU B 378 4.33 30.12 4.22
C GLU B 378 4.37 30.09 4.17
N SER B 379 3.61 29.02 4.43
CA SER B 379 3.97 28.06 5.47
C SER B 379 4.77 26.88 4.96
N GLY B 380 4.90 26.72 3.65
CA GLY B 380 5.72 25.64 3.10
C GLY B 380 5.13 24.26 3.30
N GLY B 381 3.82 24.15 3.42
CA GLY B 381 3.14 22.88 3.61
C GLY B 381 1.72 22.87 3.11
N TYR B 382 0.90 21.98 3.69
CA TYR B 382 -0.50 21.82 3.27
C TYR B 382 -1.44 22.18 4.40
N CYS B 383 -0.97 23.03 5.33
CA CYS B 383 -1.68 23.46 6.53
C CYS B 383 -2.33 22.27 7.22
N GLY B 384 -3.67 22.25 7.25
CA GLY B 384 -4.42 21.26 7.99
C GLY B 384 -4.77 21.65 9.40
N VAL B 385 -4.58 22.92 9.76
CA VAL B 385 -4.89 23.35 11.12
C VAL B 385 -6.35 23.11 11.44
N CYS B 386 -7.23 23.34 10.47
CA CYS B 386 -8.65 23.13 10.68
C CYS B 386 -8.95 21.68 11.07
N VAL B 387 -8.38 20.73 10.31
CA VAL B 387 -8.51 19.33 10.68
C VAL B 387 -7.94 19.08 12.07
N ALA B 388 -6.78 19.67 12.36
CA ALA B 388 -6.11 19.38 13.62
C ALA B 388 -6.92 19.84 14.82
N VAL B 389 -7.55 21.03 14.74
CA VAL B 389 -8.24 21.57 15.91
C VAL B 389 -9.69 21.10 16.03
N CYS B 390 -10.23 20.45 15.02
CA CYS B 390 -11.65 20.09 15.06
C CYS B 390 -11.90 19.08 16.18
N PRO B 391 -12.87 19.32 17.07
CA PRO B 391 -13.13 18.37 18.17
C PRO B 391 -13.37 16.94 17.70
N PHE B 392 -14.00 16.76 16.52
CA PHE B 392 -14.28 15.42 16.03
C PHE B 392 -13.01 14.65 15.67
N THR B 393 -11.90 15.34 15.44
CA THR B 393 -10.63 14.67 15.14
C THR B 393 -10.08 13.96 16.39
N LYS B 394 -10.39 14.45 17.58
CA LYS B 394 -9.76 13.89 18.79
C LYS B 394 -10.33 12.55 19.25
N ASN B 431 5.78 18.24 20.27
CA ASN B 431 6.51 18.80 19.15
C ASN B 431 6.83 17.71 18.13
N ILE B 432 7.53 18.08 17.07
CA ILE B 432 7.79 17.12 16.02
C ILE B 432 8.84 16.11 16.46
N THR B 433 9.79 16.49 17.32
CA THR B 433 10.74 15.51 17.82
C THR B 433 10.02 14.40 18.56
N GLU B 434 9.02 14.76 19.37
CA GLU B 434 8.25 13.74 20.08
C GLU B 434 7.45 12.86 19.14
N VAL B 435 7.03 13.38 17.99
CA VAL B 435 6.35 12.52 17.03
C VAL B 435 7.32 11.48 16.46
N TRP B 436 8.48 11.92 15.99
CA TRP B 436 9.49 11.00 15.46
C TRP B 436 9.95 9.98 16.48
N ASP B 437 10.01 10.36 17.76
CA ASP B 437 10.43 9.44 18.81
C ASP B 437 9.27 8.67 19.42
N GLY B 438 8.05 8.92 18.95
CA GLY B 438 6.90 8.41 19.66
C GLY B 438 6.18 7.28 18.96
N LYS B 439 4.89 7.13 19.29
CA LYS B 439 4.11 5.98 18.86
C LYS B 439 3.88 5.97 17.34
N ILE B 440 4.09 4.81 16.71
CA ILE B 440 3.71 4.60 15.33
C ILE B 440 3.36 3.13 15.14
N ASN B 441 2.64 2.83 14.06
CA ASN B 441 2.24 1.47 13.73
C ASN B 441 2.02 1.46 12.21
N THR B 442 1.63 0.31 11.68
CA THR B 442 1.63 0.11 10.23
C THR B 442 0.71 1.11 9.52
N TYR B 443 1.24 1.78 8.48
CA TYR B 443 0.52 2.79 7.73
C TYR B 443 0.10 3.96 8.60
N GLY B 444 0.72 4.13 9.77
CA GLY B 444 0.26 5.20 10.66
C GLY B 444 -1.04 4.93 11.36
N LEU B 445 -1.60 3.72 11.25
CA LEU B 445 -2.82 3.40 11.96
C LEU B 445 -2.53 3.22 13.45
N ASP B 446 -3.59 3.33 14.27
CA ASP B 446 -3.46 3.37 15.73
C ASP B 446 -4.21 2.19 16.33
N ALA B 447 -3.49 1.30 16.99
CA ALA B 447 -4.10 0.11 17.55
C ALA B 447 -5.07 0.43 18.68
N ASP B 448 -4.99 1.63 19.28
CA ASP B 448 -5.97 1.99 20.29
C ASP B 448 -7.36 2.22 19.70
N HIS B 449 -7.47 2.39 18.38
CA HIS B 449 -8.74 2.67 17.72
C HIS B 449 -9.06 1.73 16.57
N PHE B 450 -8.08 0.94 16.11
CA PHE B 450 -8.25 0.11 14.93
C PHE B 450 -9.43 -0.84 15.05
N ARG B 451 -9.79 -1.24 16.28
CA ARG B 451 -10.96 -2.11 16.45
C ARG B 451 -12.23 -1.45 15.92
N ASP B 452 -12.29 -0.12 15.93
CA ASP B 452 -13.47 0.60 15.45
C ASP B 452 -13.77 0.36 13.97
N THR B 453 -12.81 -0.08 13.17
CA THR B 453 -13.08 -0.32 11.76
C THR B 453 -13.16 -1.79 11.42
N VAL B 454 -13.28 -2.67 12.43
CA VAL B 454 -13.52 -4.08 12.13
C VAL B 454 -14.86 -4.21 11.42
N SER B 455 -14.96 -5.20 10.53
CA SER B 455 -16.13 -5.33 9.69
C SER B 455 -16.52 -6.81 9.54
N PHE B 456 -17.79 -7.10 9.74
CA PHE B 456 -18.42 -8.38 9.41
C PHE B 456 -19.46 -8.12 8.35
N ARG B 457 -19.98 -9.19 7.72
CA ARG B 457 -20.96 -8.98 6.67
C ARG B 457 -22.17 -8.21 7.17
N LYS B 458 -22.55 -8.37 8.45
CA LYS B 458 -23.65 -7.59 9.01
C LYS B 458 -23.51 -6.11 8.70
N ASP B 459 -22.31 -5.56 8.89
CA ASP B 459 -22.12 -4.13 8.69
C ASP B 459 -21.65 -3.77 7.28
N ARG B 460 -21.51 -4.76 6.40
CA ARG B 460 -21.22 -4.45 5.00
C ARG B 460 -22.48 -4.35 4.15
N VAL B 461 -23.52 -5.11 4.45
CA VAL B 461 -24.74 -5.04 3.65
C VAL B 461 -25.94 -5.53 4.45
#